data_2J9G
#
_entry.id   2J9G
#
_cell.length_a   67.704
_cell.length_b   112.251
_cell.length_c   121.769
_cell.angle_alpha   90.00
_cell.angle_beta   90.00
_cell.angle_gamma   90.00
#
_symmetry.space_group_name_H-M   'P 21 21 21'
#
loop_
_entity.id
_entity.type
_entity.pdbx_description
1 polymer 'BIOTIN CARBOXYLASE'
2 non-polymer 'MAGNESIUM ION'
3 non-polymer 'SULFATE ION'
4 non-polymer 'PHOSPHOAMINOPHOSPHONIC ACID-ADENYLATE ESTER'
5 non-polymer "ADENOSINE-5'-DIPHOSPHATE"
6 water water
#
_entity_poly.entity_id   1
_entity_poly.type   'polypeptide(L)'
_entity_poly.pdbx_seq_one_letter_code
;MLDKIVIANRGEIALRILRACKELGIKTVAVHSSADRDLKHVLLADETVCIGPAPSVKSYLNIPAIISAAEITGAVAIHP
GYGFLSENANFAEQVERSGFIFIGPKAETIRLMGDKVSAIAAMKKAGVPCVPGSDGPLGDDMDKNRAIAKRIGYPVIIKA
SGGGGGRGMRVVRGDAELAQSISMTRAEAKAAFSNDMVYMEKYLENPRHVEIQVLADGQGNAIYLAERDCSMQRRHQKVV
EEAPAPGITPELRRYIGERCAKACVDIGYRGAGTFEFLFENGEFYFIEMNTRIQVEHPVTEMITGVDLIKEQLRIAAGQP
LSIKQEEVHVRGHAVECRINAEDPNTFLPSPGKITRFHAPGGFGVRWESHIYAGYTVPPYYDSMIGKLICYGENRDVAIA
RMKNALQELIIDGIKTNVDLQIRIMNDENFQHGGTNIHYLEKKLGLQEK
;
_entity_poly.pdbx_strand_id   A,B
#
# COMPACT_ATOMS: atom_id res chain seq x y z
N MET A 1 -41.39 10.21 -1.24
CA MET A 1 -40.30 10.03 -2.26
C MET A 1 -39.27 11.16 -2.15
N LEU A 2 -37.99 10.81 -2.16
CA LEU A 2 -36.91 11.78 -2.20
C LEU A 2 -36.86 12.43 -3.59
N ASP A 3 -36.90 13.76 -3.64
CA ASP A 3 -36.94 14.47 -4.92
C ASP A 3 -35.67 14.24 -5.75
N LYS A 4 -34.52 14.34 -5.10
CA LYS A 4 -33.24 14.35 -5.80
C LYS A 4 -32.12 13.95 -4.84
N ILE A 5 -31.21 13.11 -5.32
CA ILE A 5 -30.12 12.68 -4.48
C ILE A 5 -28.79 12.79 -5.20
N VAL A 6 -27.76 13.02 -4.41
CA VAL A 6 -26.39 12.94 -4.87
C VAL A 6 -25.91 11.51 -4.65
N ILE A 7 -25.37 10.91 -5.71
CA ILE A 7 -24.74 9.59 -5.61
C ILE A 7 -23.25 9.81 -5.35
N ALA A 8 -22.85 9.71 -4.08
CA ALA A 8 -21.48 10.00 -3.65
C ALA A 8 -20.62 8.74 -3.74
N ASN A 9 -20.47 8.25 -4.97
CA ASN A 9 -19.66 7.07 -5.26
C ASN A 9 -19.39 6.98 -6.77
N ARG A 10 -18.92 5.82 -7.22
CA ARG A 10 -18.48 5.64 -8.60
C ARG A 10 -18.68 4.19 -9.02
N GLY A 11 -18.36 3.90 -10.27
CA GLY A 11 -18.30 2.53 -10.75
C GLY A 11 -19.64 1.81 -10.74
N GLU A 12 -19.60 0.53 -10.40
CA GLU A 12 -20.79 -0.32 -10.51
C GLU A 12 -21.85 0.09 -9.49
N ILE A 13 -21.45 0.38 -8.26
CA ILE A 13 -22.43 0.71 -7.21
C ILE A 13 -23.14 2.04 -7.48
N ALA A 14 -22.44 3.00 -8.07
CA ALA A 14 -23.04 4.27 -8.47
C ALA A 14 -24.14 4.02 -9.52
N LEU A 15 -23.85 3.13 -10.46
CA LEU A 15 -24.82 2.74 -11.49
C LEU A 15 -26.00 1.97 -10.87
N ARG A 16 -25.69 1.08 -9.93
CA ARG A 16 -26.71 0.35 -9.16
C ARG A 16 -27.71 1.31 -8.51
N ILE A 17 -27.18 2.34 -7.84
CA ILE A 17 -27.99 3.32 -7.13
C ILE A 17 -28.80 4.18 -8.09
N LEU A 18 -28.16 4.61 -9.18
CA LEU A 18 -28.86 5.38 -10.23
C LEU A 18 -30.08 4.63 -10.77
N ARG A 19 -29.93 3.33 -11.02
CA ARG A 19 -31.06 2.53 -11.53
C ARG A 19 -32.23 2.53 -10.55
N ALA A 20 -31.95 2.27 -9.28
CA ALA A 20 -32.98 2.30 -8.23
C ALA A 20 -33.69 3.67 -8.17
N CYS A 21 -32.90 4.74 -8.28
CA CYS A 21 -33.45 6.10 -8.31
C CYS A 21 -34.36 6.32 -9.51
N LYS A 22 -33.89 5.93 -10.69
CA LYS A 22 -34.70 6.06 -11.91
C LYS A 22 -36.02 5.32 -11.78
N GLU A 23 -35.99 4.09 -11.26
CA GLU A 23 -37.19 3.29 -11.05
C GLU A 23 -38.20 4.01 -10.17
N LEU A 24 -37.72 4.70 -9.15
CA LEU A 24 -38.56 5.37 -8.17
C LEU A 24 -38.94 6.79 -8.56
N GLY A 25 -38.41 7.27 -9.69
CA GLY A 25 -38.67 8.63 -10.16
C GLY A 25 -37.84 9.69 -9.47
N ILE A 26 -36.75 9.26 -8.83
CA ILE A 26 -35.90 10.17 -8.06
C ILE A 26 -34.82 10.74 -8.97
N LYS A 27 -34.72 12.06 -8.99
CA LYS A 27 -33.70 12.75 -9.79
C LYS A 27 -32.31 12.42 -9.26
N THR A 28 -31.33 12.26 -10.15
CA THR A 28 -29.98 11.89 -9.76
C THR A 28 -28.96 12.99 -10.07
N VAL A 29 -27.99 13.14 -9.18
CA VAL A 29 -26.83 13.99 -9.38
C VAL A 29 -25.60 13.11 -9.25
N ALA A 30 -24.87 12.93 -10.34
CA ALA A 30 -23.61 12.18 -10.31
C ALA A 30 -22.43 13.11 -10.03
N VAL A 31 -21.91 13.04 -8.80
CA VAL A 31 -20.67 13.69 -8.46
C VAL A 31 -19.51 12.76 -8.86
N HIS A 32 -18.50 13.30 -9.52
CA HIS A 32 -17.43 12.47 -10.05
C HIS A 32 -16.11 13.22 -10.08
N SER A 33 -15.02 12.45 -10.07
CA SER A 33 -13.69 13.00 -10.27
C SER A 33 -13.51 13.29 -11.75
N SER A 34 -12.48 14.07 -12.07
CA SER A 34 -12.17 14.40 -13.46
C SER A 34 -11.74 13.18 -14.29
N ALA A 35 -11.29 12.12 -13.62
CA ALA A 35 -10.92 10.87 -14.29
C ALA A 35 -12.11 9.95 -14.56
N ASP A 36 -13.30 10.35 -14.10
CA ASP A 36 -14.52 9.52 -14.18
C ASP A 36 -15.64 10.15 -15.00
N ARG A 37 -15.30 11.05 -15.91
CA ARG A 37 -16.29 11.71 -16.74
C ARG A 37 -17.04 10.74 -17.67
N ASP A 38 -16.40 9.62 -18.02
CA ASP A 38 -16.97 8.65 -18.96
C ASP A 38 -17.61 7.43 -18.28
N LEU A 39 -17.75 7.46 -16.96
CA LEU A 39 -18.50 6.43 -16.24
C LEU A 39 -19.92 6.34 -16.79
N LYS A 40 -20.42 5.12 -16.94
CA LYS A 40 -21.76 4.86 -17.47
C LYS A 40 -22.83 5.64 -16.69
N HIS A 41 -22.76 5.62 -15.37
CA HIS A 41 -23.80 6.26 -14.54
C HIS A 41 -23.74 7.77 -14.65
N VAL A 42 -22.54 8.32 -14.80
CA VAL A 42 -22.36 9.76 -15.05
C VAL A 42 -23.05 10.14 -16.36
N LEU A 43 -22.84 9.35 -17.40
CA LEU A 43 -23.47 9.58 -18.71
C LEU A 43 -25.01 9.45 -18.70
N LEU A 44 -25.53 8.64 -17.78
CA LEU A 44 -26.97 8.44 -17.66
C LEU A 44 -27.65 9.37 -16.66
N ALA A 45 -26.86 10.01 -15.79
CA ALA A 45 -27.43 10.81 -14.70
C ALA A 45 -28.15 12.06 -15.21
N ASP A 46 -29.12 12.55 -14.43
CA ASP A 46 -29.89 13.74 -14.81
C ASP A 46 -29.03 15.00 -14.72
N GLU A 47 -28.17 15.05 -13.69
CA GLU A 47 -27.20 16.11 -13.51
C GLU A 47 -25.86 15.52 -13.10
N THR A 48 -24.79 16.22 -13.46
CA THR A 48 -23.43 15.81 -13.12
C THR A 48 -22.65 17.01 -12.58
N VAL A 49 -21.80 16.77 -11.58
CA VAL A 49 -20.91 17.79 -11.02
C VAL A 49 -19.52 17.16 -10.86
N CYS A 50 -18.52 17.74 -11.51
CA CYS A 50 -17.14 17.32 -11.30
C CYS A 50 -16.63 17.92 -9.99
N ILE A 51 -16.44 17.08 -8.98
CA ILE A 51 -16.10 17.54 -7.63
C ILE A 51 -14.60 17.66 -7.36
N GLY A 52 -13.77 17.27 -8.34
CA GLY A 52 -12.32 17.41 -8.19
C GLY A 52 -11.51 16.45 -9.02
N PRO A 53 -10.19 16.44 -8.79
CA PRO A 53 -9.27 15.63 -9.58
C PRO A 53 -9.32 14.15 -9.18
N ALA A 54 -8.56 13.32 -9.88
CA ALA A 54 -8.61 11.86 -9.69
C ALA A 54 -8.35 11.37 -8.26
N PRO A 55 -7.33 11.92 -7.58
CA PRO A 55 -7.07 11.42 -6.22
C PRO A 55 -8.29 11.57 -5.30
N SER A 56 -8.64 10.51 -4.60
CA SER A 56 -9.90 10.45 -3.84
C SER A 56 -9.98 11.51 -2.73
N VAL A 57 -8.85 11.90 -2.17
CA VAL A 57 -8.85 12.93 -1.12
C VAL A 57 -9.54 14.22 -1.58
N LYS A 58 -9.42 14.57 -2.85
CA LYS A 58 -10.07 15.77 -3.37
C LYS A 58 -11.28 15.49 -4.28
N SER A 59 -11.67 14.23 -4.40
CA SER A 59 -12.90 13.87 -5.08
C SER A 59 -13.82 13.08 -4.14
N TYR A 60 -13.70 11.76 -4.13
CA TYR A 60 -14.72 10.90 -3.48
C TYR A 60 -14.66 10.90 -1.96
N LEU A 61 -13.57 11.42 -1.39
CA LEU A 61 -13.47 11.63 0.05
C LEU A 61 -13.53 13.12 0.41
N ASN A 62 -13.81 13.97 -0.57
CA ASN A 62 -13.86 15.42 -0.37
C ASN A 62 -15.22 15.85 0.18
N ILE A 63 -15.31 15.95 1.51
CA ILE A 63 -16.57 16.21 2.19
C ILE A 63 -17.18 17.56 1.80
N PRO A 64 -16.41 18.67 1.88
CA PRO A 64 -16.94 19.96 1.41
C PRO A 64 -17.44 19.98 -0.03
N ALA A 65 -16.72 19.35 -0.95
CA ALA A 65 -17.08 19.38 -2.36
C ALA A 65 -18.39 18.62 -2.63
N ILE A 66 -18.57 17.51 -1.94
CA ILE A 66 -19.76 16.67 -2.10
C ILE A 66 -20.98 17.39 -1.54
N ILE A 67 -20.83 17.98 -0.36
CA ILE A 67 -21.90 18.73 0.26
C ILE A 67 -22.28 19.98 -0.58
N SER A 68 -21.29 20.69 -1.11
CA SER A 68 -21.58 21.82 -2.03
C SER A 68 -22.34 21.37 -3.27
N ALA A 69 -21.95 20.22 -3.84
CA ALA A 69 -22.66 19.64 -4.98
C ALA A 69 -24.15 19.45 -4.68
N ALA A 70 -24.44 18.94 -3.48
CA ALA A 70 -25.81 18.78 -2.99
C ALA A 70 -26.48 20.14 -2.85
N GLU A 71 -25.74 21.12 -2.33
CA GLU A 71 -26.27 22.48 -2.16
C GLU A 71 -26.59 23.12 -3.50
N ILE A 72 -25.63 23.10 -4.44
CA ILE A 72 -25.84 23.75 -5.74
C ILE A 72 -26.98 23.15 -6.55
N THR A 73 -27.17 21.82 -6.46
CA THR A 73 -28.23 21.14 -7.20
C THR A 73 -29.58 21.10 -6.46
N GLY A 74 -29.59 21.51 -5.20
CA GLY A 74 -30.80 21.44 -4.39
C GLY A 74 -31.26 20.01 -4.14
N ALA A 75 -30.29 19.13 -3.90
CA ALA A 75 -30.58 17.74 -3.57
C ALA A 75 -31.08 17.67 -2.14
N VAL A 76 -31.84 16.62 -1.83
CA VAL A 76 -32.35 16.43 -0.48
C VAL A 76 -31.60 15.33 0.27
N ALA A 77 -30.90 14.46 -0.46
CA ALA A 77 -30.20 13.34 0.18
C ALA A 77 -28.93 12.95 -0.54
N ILE A 78 -28.09 12.21 0.17
CA ILE A 78 -26.84 11.71 -0.34
C ILE A 78 -26.70 10.23 -0.04
N HIS A 79 -26.49 9.43 -1.09
CA HIS A 79 -26.16 8.02 -0.95
C HIS A 79 -24.65 7.81 -1.09
N PRO A 80 -23.99 7.30 -0.01
CA PRO A 80 -22.55 7.11 -0.01
C PRO A 80 -22.07 5.76 -0.59
N GLY A 81 -23.02 4.89 -0.94
CA GLY A 81 -22.70 3.58 -1.50
C GLY A 81 -21.91 2.78 -0.50
N TYR A 82 -20.85 2.13 -0.97
CA TYR A 82 -19.91 1.42 -0.10
C TYR A 82 -18.49 1.96 -0.31
N GLY A 83 -17.62 1.68 0.64
CA GLY A 83 -16.28 2.27 0.63
C GLY A 83 -16.36 3.77 0.81
N PHE A 84 -15.28 4.46 0.45
CA PHE A 84 -15.18 5.92 0.52
C PHE A 84 -15.68 6.49 1.84
N LEU A 85 -16.77 7.27 1.83
CA LEU A 85 -17.26 7.94 3.03
C LEU A 85 -18.45 7.26 3.72
N SER A 86 -18.83 6.07 3.26
CA SER A 86 -20.05 5.40 3.73
C SER A 86 -20.05 5.10 5.22
N GLU A 87 -18.88 4.81 5.80
CA GLU A 87 -18.78 4.57 7.24
C GLU A 87 -17.87 5.61 7.89
N ASN A 88 -17.93 6.82 7.36
CA ASN A 88 -17.27 7.97 7.95
C ASN A 88 -18.34 8.73 8.72
N ALA A 89 -18.30 8.63 10.05
CA ALA A 89 -19.29 9.28 10.91
C ALA A 89 -19.22 10.80 10.85
N ASN A 90 -18.03 11.35 10.62
CA ASN A 90 -17.91 12.80 10.41
C ASN A 90 -18.68 13.24 9.16
N PHE A 91 -18.58 12.48 8.09
CA PHE A 91 -19.32 12.77 6.87
C PHE A 91 -20.82 12.73 7.14
N ALA A 92 -21.29 11.64 7.76
CA ALA A 92 -22.72 11.48 8.06
C ALA A 92 -23.25 12.68 8.83
N GLU A 93 -22.56 13.03 9.91
CA GLU A 93 -22.84 14.22 10.73
C GLU A 93 -22.94 15.49 9.91
N GLN A 94 -21.89 15.77 9.14
CA GLN A 94 -21.83 16.99 8.33
C GLN A 94 -22.92 17.03 7.28
N VAL A 95 -23.25 15.88 6.70
CA VAL A 95 -24.34 15.79 5.73
C VAL A 95 -25.65 16.22 6.37
N GLU A 96 -25.97 15.65 7.53
CA GLU A 96 -27.20 15.99 8.24
C GLU A 96 -27.21 17.43 8.75
N ARG A 97 -26.09 17.86 9.34
CA ARG A 97 -25.97 19.23 9.83
C ARG A 97 -26.10 20.27 8.70
N SER A 98 -25.66 19.91 7.50
CA SER A 98 -25.72 20.79 6.34
C SER A 98 -27.11 20.81 5.70
N GLY A 99 -28.01 19.95 6.19
CA GLY A 99 -29.42 19.98 5.80
C GLY A 99 -29.85 18.90 4.83
N PHE A 100 -29.08 17.82 4.73
CA PHE A 100 -29.35 16.75 3.79
C PHE A 100 -29.57 15.45 4.54
N ILE A 101 -30.38 14.58 3.95
CA ILE A 101 -30.57 13.25 4.47
C ILE A 101 -29.36 12.39 4.10
N PHE A 102 -28.77 11.75 5.11
CA PHE A 102 -27.70 10.79 4.87
C PHE A 102 -28.35 9.42 4.71
N ILE A 103 -28.18 8.81 3.55
CA ILE A 103 -28.78 7.50 3.26
C ILE A 103 -27.91 6.42 3.91
N GLY A 104 -28.11 6.26 5.20
CA GLY A 104 -27.32 5.36 6.01
C GLY A 104 -27.71 5.55 7.46
N PRO A 105 -26.93 4.98 8.39
CA PRO A 105 -27.27 5.06 9.81
C PRO A 105 -26.88 6.41 10.41
N LYS A 106 -27.29 6.63 11.64
CA LYS A 106 -26.88 7.82 12.38
C LYS A 106 -25.38 7.76 12.64
N ALA A 107 -24.76 8.94 12.75
CA ALA A 107 -23.32 9.04 12.98
C ALA A 107 -22.89 8.31 14.24
N GLU A 108 -23.68 8.43 15.30
CA GLU A 108 -23.39 7.74 16.57
C GLU A 108 -23.30 6.22 16.37
N THR A 109 -24.14 5.71 15.48
CA THR A 109 -24.19 4.27 15.17
C THR A 109 -23.00 3.83 14.33
N ILE A 110 -22.58 4.70 13.42
CA ILE A 110 -21.38 4.46 12.64
C ILE A 110 -20.15 4.39 13.56
N ARG A 111 -20.09 5.30 14.52
CA ARG A 111 -18.99 5.31 15.50
C ARG A 111 -19.00 4.08 16.40
N LEU A 112 -20.17 3.78 16.95
CA LEU A 112 -20.34 2.61 17.83
C LEU A 112 -19.85 1.34 17.17
N MET A 113 -20.29 1.12 15.93
CA MET A 113 -19.98 -0.12 15.23
C MET A 113 -18.68 -0.05 14.44
N GLY A 114 -18.12 1.16 14.28
CA GLY A 114 -16.87 1.36 13.57
C GLY A 114 -15.63 1.02 14.40
N ASP A 115 -15.72 1.27 15.70
CA ASP A 115 -14.71 0.82 16.64
C ASP A 115 -15.04 -0.62 17.07
N LYS A 116 -14.07 -1.51 16.93
CA LYS A 116 -14.32 -2.93 17.15
C LYS A 116 -14.61 -3.29 18.61
N VAL A 117 -13.88 -2.68 19.53
CA VAL A 117 -14.10 -2.94 20.96
C VAL A 117 -15.50 -2.49 21.39
N SER A 118 -15.91 -1.28 21.01
CA SER A 118 -17.24 -0.78 21.38
C SER A 118 -18.34 -1.59 20.69
N ALA A 119 -18.11 -1.94 19.42
CA ALA A 119 -19.04 -2.77 18.65
C ALA A 119 -19.28 -4.13 19.29
N ILE A 120 -18.22 -4.79 19.71
CA ILE A 120 -18.32 -6.10 20.38
C ILE A 120 -19.10 -5.97 21.70
N ALA A 121 -18.81 -4.93 22.48
CA ALA A 121 -19.54 -4.70 23.73
C ALA A 121 -21.05 -4.56 23.49
N ALA A 122 -21.43 -3.79 22.46
CA ALA A 122 -22.84 -3.58 22.13
C ALA A 122 -23.52 -4.87 21.66
N MET A 123 -22.79 -5.67 20.89
CA MET A 123 -23.33 -6.94 20.40
C MET A 123 -23.51 -7.95 21.54
N LYS A 124 -22.50 -8.03 22.41
CA LYS A 124 -22.55 -8.91 23.58
C LYS A 124 -23.76 -8.56 24.46
N LYS A 125 -23.95 -7.27 24.71
CA LYS A 125 -25.10 -6.78 25.47
C LYS A 125 -26.44 -7.10 24.79
N ALA A 126 -26.48 -6.92 23.47
CA ALA A 126 -27.68 -7.19 22.66
C ALA A 126 -28.00 -8.69 22.54
N GLY A 127 -27.07 -9.54 22.93
CA GLY A 127 -27.27 -10.99 22.86
C GLY A 127 -26.78 -11.63 21.58
N VAL A 128 -26.08 -10.87 20.74
CA VAL A 128 -25.45 -11.43 19.55
C VAL A 128 -24.23 -12.24 20.01
N PRO A 129 -24.07 -13.48 19.51
CA PRO A 129 -22.93 -14.30 19.91
C PRO A 129 -21.62 -13.72 19.38
N CYS A 130 -20.64 -13.59 20.26
CA CYS A 130 -19.38 -12.96 19.95
C CYS A 130 -18.23 -13.94 20.12
N VAL A 131 -17.08 -13.61 19.55
CA VAL A 131 -15.88 -14.43 19.76
C VAL A 131 -15.43 -14.23 21.22
N PRO A 132 -15.16 -15.34 21.95
CA PRO A 132 -14.58 -15.17 23.28
C PRO A 132 -13.32 -14.30 23.23
N GLY A 133 -13.23 -13.34 24.14
CA GLY A 133 -12.15 -12.37 24.09
C GLY A 133 -11.99 -11.56 25.35
N SER A 134 -11.13 -10.55 25.29
CA SER A 134 -10.81 -9.71 26.44
C SER A 134 -11.97 -8.81 26.86
N ASP A 135 -12.93 -8.57 25.95
CA ASP A 135 -14.10 -7.74 26.23
C ASP A 135 -13.65 -6.42 26.84
N GLY A 136 -12.86 -5.70 26.06
CA GLY A 136 -12.24 -4.45 26.48
C GLY A 136 -10.79 -4.41 26.01
N PRO A 137 -10.16 -3.22 26.12
CA PRO A 137 -8.80 -3.04 25.63
C PRO A 137 -7.75 -3.71 26.50
N LEU A 138 -6.62 -4.08 25.89
CA LEU A 138 -5.51 -4.66 26.63
C LEU A 138 -4.60 -3.57 27.17
N GLY A 139 -4.13 -3.75 28.41
CA GLY A 139 -3.07 -2.91 28.97
C GLY A 139 -1.73 -3.55 28.65
N ASP A 140 -0.69 -3.10 29.34
CA ASP A 140 0.67 -3.65 29.14
C ASP A 140 1.13 -4.55 30.30
N ASP A 141 0.24 -4.86 31.23
CA ASP A 141 0.54 -5.85 32.27
C ASP A 141 0.43 -7.24 31.65
N MET A 142 1.58 -7.91 31.51
CA MET A 142 1.66 -9.16 30.76
C MET A 142 1.34 -10.43 31.58
N ASP A 143 1.34 -10.32 32.91
CA ASP A 143 0.75 -11.37 33.73
C ASP A 143 -0.76 -11.41 33.47
N LYS A 144 -1.37 -10.22 33.41
CA LYS A 144 -2.80 -10.08 33.14
C LYS A 144 -3.19 -10.50 31.72
N ASN A 145 -2.34 -10.17 30.75
CA ASN A 145 -2.61 -10.53 29.36
C ASN A 145 -2.45 -12.03 29.11
N ARG A 146 -1.52 -12.66 29.81
CA ARG A 146 -1.36 -14.12 29.78
C ARG A 146 -2.56 -14.82 30.43
N ALA A 147 -3.18 -14.17 31.42
CA ALA A 147 -4.37 -14.70 32.09
C ALA A 147 -5.60 -14.68 31.19
N ILE A 148 -5.78 -13.58 30.45
CA ILE A 148 -6.87 -13.48 29.48
C ILE A 148 -6.69 -14.55 28.40
N ALA A 149 -5.46 -14.73 27.95
CA ALA A 149 -5.12 -15.74 26.94
C ALA A 149 -5.48 -17.16 27.40
N LYS A 150 -5.16 -17.47 28.66
CA LYS A 150 -5.48 -18.77 29.25
C LYS A 150 -6.99 -18.98 29.35
N ARG A 151 -7.69 -17.93 29.78
CA ARG A 151 -9.15 -17.99 29.95
C ARG A 151 -9.82 -18.26 28.60
N ILE A 152 -9.39 -17.53 27.56
CA ILE A 152 -9.86 -17.74 26.19
C ILE A 152 -9.38 -19.08 25.63
N GLY A 153 -8.14 -19.43 25.95
CA GLY A 153 -7.50 -20.61 25.40
C GLY A 153 -6.81 -20.27 24.09
N TYR A 154 -5.52 -20.56 24.02
CA TYR A 154 -4.76 -20.37 22.79
C TYR A 154 -5.26 -21.34 21.72
N PRO A 155 -5.05 -21.00 20.44
CA PRO A 155 -4.45 -19.77 19.95
C PRO A 155 -5.41 -18.58 20.04
N VAL A 156 -4.84 -17.39 20.24
CA VAL A 156 -5.62 -16.16 20.26
C VAL A 156 -5.15 -15.27 19.11
N ILE A 157 -5.86 -14.18 18.89
CA ILE A 157 -5.48 -13.20 17.90
C ILE A 157 -5.56 -11.80 18.53
N ILE A 158 -4.51 -11.02 18.31
CA ILE A 158 -4.46 -9.63 18.75
C ILE A 158 -5.00 -8.79 17.62
N LYS A 159 -5.98 -7.94 17.91
CA LYS A 159 -6.67 -7.17 16.88
C LYS A 159 -6.69 -5.69 17.23
N ALA A 160 -6.39 -4.86 16.23
CA ALA A 160 -6.44 -3.41 16.41
C ALA A 160 -7.89 -2.95 16.37
N SER A 161 -8.29 -2.16 17.36
CA SER A 161 -9.68 -1.69 17.45
C SER A 161 -10.07 -0.78 16.28
N GLY A 162 -9.11 -0.01 15.76
CA GLY A 162 -9.32 0.78 14.52
C GLY A 162 -8.83 0.07 13.26
N GLY A 163 -8.62 -1.25 13.35
CA GLY A 163 -8.00 -2.02 12.26
C GLY A 163 -8.91 -2.30 11.08
N GLY A 164 -8.31 -2.69 9.96
CA GLY A 164 -9.04 -2.88 8.71
C GLY A 164 -8.19 -3.43 7.57
N GLY A 165 -8.86 -3.93 6.53
CA GLY A 165 -8.20 -4.39 5.30
C GLY A 165 -7.27 -5.59 5.45
N GLY A 166 -7.46 -6.38 6.50
CA GLY A 166 -6.57 -7.49 6.81
C GLY A 166 -5.30 -7.07 7.52
N ARG A 167 -5.21 -5.80 7.89
CA ARG A 167 -4.04 -5.26 8.57
C ARG A 167 -4.34 -4.96 10.03
N GLY A 168 -3.29 -4.93 10.83
CA GLY A 168 -3.40 -4.63 12.26
C GLY A 168 -3.91 -5.80 13.08
N MET A 169 -3.34 -6.98 12.86
CA MET A 169 -3.63 -8.15 13.71
C MET A 169 -2.57 -9.25 13.62
N ARG A 170 -2.32 -9.90 14.76
CA ARG A 170 -1.30 -10.95 14.89
C ARG A 170 -1.84 -12.16 15.64
N VAL A 171 -1.72 -13.33 15.01
CA VAL A 171 -2.11 -14.59 15.65
C VAL A 171 -1.02 -15.03 16.65
N VAL A 172 -1.44 -15.37 17.87
CA VAL A 172 -0.51 -15.81 18.92
C VAL A 172 -0.82 -17.24 19.36
N ARG A 173 0.16 -18.13 19.25
CA ARG A 173 -0.06 -19.55 19.52
C ARG A 173 0.42 -20.00 20.91
N GLY A 174 1.11 -19.12 21.62
CA GLY A 174 1.56 -19.39 22.98
C GLY A 174 2.08 -18.15 23.69
N ASP A 175 2.32 -18.27 24.99
CA ASP A 175 2.78 -17.17 25.84
C ASP A 175 4.03 -16.46 25.30
N ALA A 176 5.01 -17.24 24.82
CA ALA A 176 6.31 -16.70 24.42
C ALA A 176 6.21 -15.56 23.40
N GLU A 177 5.22 -15.62 22.52
CA GLU A 177 5.03 -14.61 21.47
C GLU A 177 4.05 -13.49 21.87
N LEU A 178 3.34 -13.66 22.98
CA LEU A 178 2.24 -12.77 23.34
C LEU A 178 2.68 -11.32 23.54
N ALA A 179 3.69 -11.12 24.38
CA ALA A 179 4.20 -9.78 24.71
C ALA A 179 4.58 -8.98 23.45
N GLN A 180 5.43 -9.56 22.62
CA GLN A 180 5.89 -8.92 21.39
C GLN A 180 4.74 -8.69 20.42
N SER A 181 3.85 -9.68 20.29
CA SER A 181 2.70 -9.58 19.39
C SER A 181 1.74 -8.45 19.75
N ILE A 182 1.52 -8.22 21.05
CA ILE A 182 0.68 -7.13 21.53
C ILE A 182 1.36 -5.77 21.29
N SER A 183 2.64 -5.67 21.67
CA SER A 183 3.40 -4.43 21.52
C SER A 183 3.51 -3.96 20.06
N MET A 184 3.76 -4.91 19.16
CA MET A 184 3.92 -4.61 17.73
C MET A 184 2.59 -4.21 17.07
N THR A 185 1.54 -5.00 17.31
CA THR A 185 0.20 -4.66 16.83
C THR A 185 -0.22 -3.28 17.34
N ARG A 186 0.13 -2.99 18.60
CA ARG A 186 -0.10 -1.68 19.20
C ARG A 186 0.67 -0.58 18.45
N ALA A 187 1.84 -0.93 17.89
CA ALA A 187 2.63 -0.01 17.07
C ALA A 187 2.18 -0.01 15.62
N GLU A 188 2.26 -1.16 14.96
CA GLU A 188 1.85 -1.30 13.55
C GLU A 188 0.49 -0.66 13.29
N ALA A 189 -0.43 -0.81 14.25
CA ALA A 189 -1.73 -0.15 14.20
C ALA A 189 -1.72 1.15 15.00
N LYS A 190 -0.72 1.99 14.76
CA LYS A 190 -0.66 3.34 15.35
C LYS A 190 -0.01 4.31 14.37
N PHE A 193 -3.12 3.30 11.52
CA PHE A 193 -4.49 3.72 11.80
C PHE A 193 -4.58 4.88 12.80
N SER A 194 -3.50 5.15 13.54
CA SER A 194 -3.42 6.21 14.57
C SER A 194 -3.88 5.79 15.97
N ASN A 195 -4.76 4.79 16.04
CA ASN A 195 -5.29 4.31 17.33
C ASN A 195 -4.51 3.08 17.80
N ASP A 196 -3.84 3.22 18.94
CA ASP A 196 -3.00 2.14 19.48
C ASP A 196 -3.82 1.01 20.11
N MET A 197 -5.08 1.28 20.45
CA MET A 197 -5.92 0.32 21.17
C MET A 197 -6.01 -1.04 20.47
N VAL A 198 -5.67 -2.09 21.21
CA VAL A 198 -5.82 -3.46 20.73
C VAL A 198 -6.70 -4.27 21.68
N TYR A 199 -7.26 -5.36 21.18
CA TYR A 199 -7.97 -6.35 22.00
C TYR A 199 -7.54 -7.77 21.63
N MET A 200 -7.96 -8.72 22.45
CA MET A 200 -7.64 -10.13 22.25
C MET A 200 -8.92 -10.92 21.95
N GLU A 201 -8.86 -11.73 20.90
CA GLU A 201 -9.96 -12.66 20.54
C GLU A 201 -9.42 -14.08 20.44
N LYS A 202 -10.29 -15.06 20.66
CA LYS A 202 -9.95 -16.45 20.39
C LYS A 202 -9.69 -16.59 18.91
N TYR A 203 -8.63 -17.30 18.52
CA TYR A 203 -8.35 -17.49 17.11
C TYR A 203 -9.05 -18.75 16.59
N LEU A 204 -10.03 -18.55 15.72
CA LEU A 204 -10.78 -19.63 15.12
C LEU A 204 -10.01 -20.15 13.90
N GLU A 205 -9.73 -21.45 13.89
CA GLU A 205 -8.73 -22.00 12.97
C GLU A 205 -9.26 -22.47 11.62
N ASN A 206 -10.55 -22.79 11.54
CA ASN A 206 -11.17 -23.10 10.23
C ASN A 206 -12.61 -22.62 10.11
N PRO A 207 -12.80 -21.29 10.22
CA PRO A 207 -14.13 -20.72 10.11
C PRO A 207 -14.54 -20.50 8.66
N ARG A 208 -15.85 -20.39 8.45
CA ARG A 208 -16.42 -19.87 7.22
C ARG A 208 -16.88 -18.44 7.50
N HIS A 209 -16.89 -17.61 6.45
CA HIS A 209 -17.46 -16.27 6.57
C HIS A 209 -18.95 -16.32 6.24
N VAL A 210 -19.78 -16.18 7.28
CA VAL A 210 -21.23 -16.11 7.08
C VAL A 210 -21.74 -14.81 7.67
N GLU A 211 -22.53 -14.09 6.88
CA GLU A 211 -22.96 -12.75 7.26
C GLU A 211 -24.45 -12.57 7.06
N ILE A 212 -25.05 -11.76 7.93
CA ILE A 212 -26.50 -11.58 7.94
C ILE A 212 -26.87 -10.18 7.45
N GLN A 213 -27.72 -10.13 6.43
CA GLN A 213 -28.26 -8.88 5.92
C GLN A 213 -29.42 -8.43 6.78
N VAL A 214 -29.44 -7.13 7.12
CA VAL A 214 -30.56 -6.54 7.81
C VAL A 214 -31.05 -5.26 7.11
N LEU A 215 -32.31 -4.93 7.37
CA LEU A 215 -32.88 -3.64 7.07
C LEU A 215 -33.59 -3.18 8.33
N ALA A 216 -33.44 -1.90 8.67
CA ALA A 216 -34.13 -1.32 9.83
C ALA A 216 -34.54 0.11 9.50
N ASP A 217 -35.74 0.53 9.94
CA ASP A 217 -36.25 1.85 9.56
C ASP A 217 -35.86 2.98 10.52
N GLY A 218 -35.19 2.65 11.62
CA GLY A 218 -34.88 3.63 12.66
C GLY A 218 -36.12 4.13 13.37
N GLN A 219 -37.22 3.38 13.23
CA GLN A 219 -38.48 3.67 13.91
C GLN A 219 -38.92 2.46 14.73
N GLY A 220 -37.99 1.55 15.05
CA GLY A 220 -38.27 0.40 15.90
C GLY A 220 -38.42 -0.94 15.20
N ASN A 221 -38.56 -0.91 13.87
CA ASN A 221 -38.71 -2.14 13.10
C ASN A 221 -37.40 -2.58 12.46
N ALA A 222 -37.11 -3.87 12.53
CA ALA A 222 -35.95 -4.45 11.87
C ALA A 222 -36.26 -5.85 11.35
N ILE A 223 -35.75 -6.15 10.15
CA ILE A 223 -35.86 -7.49 9.58
C ILE A 223 -34.49 -7.98 9.09
N TYR A 224 -34.35 -9.30 9.01
CA TYR A 224 -33.17 -9.93 8.46
C TYR A 224 -33.55 -10.60 7.14
N LEU A 225 -32.64 -10.54 6.17
CA LEU A 225 -32.87 -11.12 4.85
C LEU A 225 -31.87 -12.23 4.60
N ALA A 226 -31.99 -13.26 5.42
CA ALA A 226 -31.14 -14.45 5.38
C ALA A 226 -29.65 -14.10 5.46
N GLU A 227 -28.83 -14.97 4.92
CA GLU A 227 -27.38 -14.86 5.02
C GLU A 227 -26.68 -15.04 3.70
N ARG A 228 -25.38 -14.73 3.72
CA ARG A 228 -24.48 -14.95 2.60
C ARG A 228 -23.22 -15.63 3.10
N ASP A 229 -22.65 -16.50 2.28
CA ASP A 229 -21.36 -17.07 2.54
C ASP A 229 -20.34 -16.40 1.64
N CYS A 230 -19.32 -15.81 2.25
CA CYS A 230 -18.30 -15.07 1.50
C CYS A 230 -16.91 -15.58 1.86
N SER A 231 -16.79 -16.90 2.00
CA SER A 231 -15.56 -17.52 2.50
C SER A 231 -14.43 -17.57 1.47
N MET A 232 -14.79 -17.48 0.18
CA MET A 232 -13.84 -17.52 -0.92
C MET A 232 -13.13 -16.17 -1.01
N GLN A 233 -11.93 -16.09 -0.43
CA GLN A 233 -11.21 -14.82 -0.24
C GLN A 233 -9.74 -14.92 -0.60
N ARG A 234 -9.16 -13.77 -0.94
CA ARG A 234 -7.72 -13.65 -1.17
C ARG A 234 -7.23 -12.33 -0.58
N ARG A 235 -6.22 -12.40 0.28
CA ARG A 235 -5.79 -11.25 1.10
C ARG A 235 -6.95 -10.60 1.83
N HIS A 236 -7.82 -11.46 2.36
CA HIS A 236 -9.01 -11.06 3.11
C HIS A 236 -10.03 -10.29 2.27
N GLN A 237 -9.82 -10.27 0.96
CA GLN A 237 -10.73 -9.62 0.02
C GLN A 237 -11.62 -10.69 -0.61
N LYS A 238 -12.92 -10.48 -0.55
CA LYS A 238 -13.88 -11.47 -1.06
C LYS A 238 -13.80 -11.57 -2.58
N VAL A 239 -13.97 -12.78 -3.09
CA VAL A 239 -13.86 -13.06 -4.53
C VAL A 239 -15.17 -13.64 -5.08
N VAL A 240 -15.78 -14.55 -4.31
CA VAL A 240 -17.07 -15.13 -4.62
C VAL A 240 -17.96 -15.03 -3.39
N GLU A 241 -19.23 -14.71 -3.60
CA GLU A 241 -20.22 -14.74 -2.53
C GLU A 241 -21.43 -15.52 -3.01
N GLU A 242 -22.17 -16.09 -2.07
CA GLU A 242 -23.37 -16.82 -2.41
C GLU A 242 -24.42 -16.72 -1.30
N ALA A 243 -25.67 -16.93 -1.67
CA ALA A 243 -26.80 -16.89 -0.76
C ALA A 243 -27.83 -17.94 -1.18
N PRO A 244 -28.40 -18.68 -0.22
CA PRO A 244 -28.02 -18.74 1.20
C PRO A 244 -26.67 -19.45 1.38
N ALA A 245 -26.21 -19.55 2.64
CA ALA A 245 -24.99 -20.27 2.96
C ALA A 245 -25.25 -21.78 3.04
N PRO A 246 -24.51 -22.60 2.25
CA PRO A 246 -24.65 -24.06 2.32
C PRO A 246 -24.56 -24.61 3.73
N GLY A 247 -25.47 -25.52 4.08
CA GLY A 247 -25.46 -26.14 5.41
C GLY A 247 -26.22 -25.39 6.50
N ILE A 248 -26.61 -24.15 6.24
CA ILE A 248 -27.39 -23.38 7.21
C ILE A 248 -28.84 -23.81 7.09
N THR A 249 -29.39 -24.36 8.19
CA THR A 249 -30.77 -24.80 8.21
C THR A 249 -31.69 -23.61 8.45
N PRO A 250 -32.97 -23.74 8.07
CA PRO A 250 -33.95 -22.68 8.39
C PRO A 250 -33.96 -22.31 9.86
N GLU A 251 -33.78 -23.29 10.73
CA GLU A 251 -33.81 -23.08 12.17
C GLU A 251 -32.58 -22.28 12.63
N LEU A 252 -31.41 -22.67 12.15
CA LEU A 252 -30.18 -21.92 12.40
C LEU A 252 -30.27 -20.48 11.82
N ARG A 253 -30.80 -20.37 10.60
CA ARG A 253 -31.03 -19.06 9.96
C ARG A 253 -31.93 -18.16 10.81
N ARG A 254 -33.00 -18.73 11.35
CA ARG A 254 -33.96 -17.97 12.17
C ARG A 254 -33.31 -17.53 13.48
N TYR A 255 -32.54 -18.42 14.10
CA TYR A 255 -31.84 -18.12 15.35
C TYR A 255 -30.92 -16.89 15.22
N ILE A 256 -29.96 -16.94 14.31
CA ILE A 256 -29.00 -15.84 14.15
C ILE A 256 -29.67 -14.60 13.53
N GLY A 257 -30.61 -14.82 12.60
CA GLY A 257 -31.39 -13.73 12.02
C GLY A 257 -32.09 -12.89 13.07
N GLU A 258 -32.81 -13.56 13.97
CA GLU A 258 -33.56 -12.87 15.04
C GLU A 258 -32.66 -12.14 16.03
N ARG A 259 -31.46 -12.66 16.28
CA ARG A 259 -30.52 -11.97 17.18
C ARG A 259 -29.95 -10.71 16.54
N CYS A 260 -29.71 -10.75 15.23
CA CYS A 260 -29.27 -9.55 14.50
C CYS A 260 -30.37 -8.48 14.44
N ALA A 261 -31.59 -8.88 14.11
CA ALA A 261 -32.73 -7.95 14.03
C ALA A 261 -32.96 -7.26 15.38
N LYS A 262 -32.85 -8.04 16.46
CA LYS A 262 -33.00 -7.52 17.81
C LYS A 262 -31.87 -6.53 18.16
N ALA A 263 -30.64 -6.88 17.79
CA ALA A 263 -29.51 -5.97 17.95
C ALA A 263 -29.71 -4.63 17.23
N CYS A 264 -30.30 -4.66 16.03
CA CYS A 264 -30.66 -3.42 15.30
C CYS A 264 -31.56 -2.50 16.12
N VAL A 265 -32.56 -3.09 16.78
CA VAL A 265 -33.49 -2.32 17.60
C VAL A 265 -32.74 -1.73 18.79
N ASP A 266 -31.91 -2.54 19.43
CA ASP A 266 -31.16 -2.14 20.62
C ASP A 266 -30.25 -0.93 20.39
N ILE A 267 -29.57 -0.90 19.25
CA ILE A 267 -28.64 0.18 18.92
C ILE A 267 -29.29 1.28 18.07
N GLY A 268 -30.59 1.16 17.80
CA GLY A 268 -31.31 2.15 17.00
C GLY A 268 -30.78 2.25 15.58
N TYR A 269 -30.47 1.11 14.97
CA TYR A 269 -29.93 1.08 13.63
C TYR A 269 -30.94 1.59 12.60
N ARG A 270 -30.44 2.23 11.55
CA ARG A 270 -31.27 2.80 10.51
C ARG A 270 -30.66 2.51 9.15
N GLY A 271 -31.43 1.85 8.29
CA GLY A 271 -31.01 1.56 6.92
C GLY A 271 -30.57 0.12 6.71
N ALA A 272 -29.79 -0.10 5.65
CA ALA A 272 -29.24 -1.40 5.34
C ALA A 272 -27.97 -1.59 6.15
N GLY A 273 -27.73 -2.80 6.60
CA GLY A 273 -26.48 -3.18 7.25
C GLY A 273 -26.23 -4.67 7.19
N THR A 274 -25.02 -5.06 7.55
CA THR A 274 -24.62 -6.47 7.53
C THR A 274 -23.84 -6.83 8.78
N PHE A 275 -24.26 -7.92 9.44
CA PHE A 275 -23.49 -8.51 10.54
C PHE A 275 -22.63 -9.63 10.00
N GLU A 276 -21.32 -9.48 10.10
CA GLU A 276 -20.37 -10.49 9.64
C GLU A 276 -19.97 -11.41 10.79
N PHE A 277 -20.11 -12.71 10.55
CA PHE A 277 -19.72 -13.74 11.52
C PHE A 277 -18.67 -14.65 10.96
N LEU A 278 -17.83 -15.18 11.83
CA LEU A 278 -17.08 -16.39 11.53
C LEU A 278 -17.95 -17.53 12.03
N PHE A 279 -18.17 -18.53 11.17
CA PHE A 279 -19.03 -19.67 11.47
C PHE A 279 -18.16 -20.93 11.50
N GLU A 280 -18.10 -21.59 12.67
CA GLU A 280 -17.30 -22.79 12.85
C GLU A 280 -17.95 -23.77 13.82
N ASN A 281 -17.91 -25.06 13.48
CA ASN A 281 -18.48 -26.12 14.31
C ASN A 281 -19.93 -25.81 14.69
N GLY A 282 -20.71 -25.39 13.70
CA GLY A 282 -22.12 -25.03 13.88
C GLY A 282 -22.42 -23.78 14.69
N GLU A 283 -21.40 -22.97 14.99
CA GLU A 283 -21.56 -21.79 15.87
C GLU A 283 -21.16 -20.49 15.17
N PHE A 284 -21.97 -19.45 15.38
CA PHE A 284 -21.68 -18.10 14.86
C PHE A 284 -20.88 -17.27 15.86
N TYR A 285 -19.89 -16.54 15.37
CA TYR A 285 -19.13 -15.61 16.22
C TYR A 285 -18.98 -14.25 15.55
N PHE A 286 -19.61 -13.23 16.13
CA PHE A 286 -19.58 -11.88 15.58
C PHE A 286 -18.16 -11.33 15.49
N ILE A 287 -17.81 -10.74 14.35
CA ILE A 287 -16.54 -10.03 14.22
C ILE A 287 -16.69 -8.57 13.79
N GLU A 288 -17.70 -8.26 12.95
CA GLU A 288 -17.90 -6.89 12.48
C GLU A 288 -19.31 -6.63 11.93
N MET A 289 -19.80 -5.40 12.13
CA MET A 289 -20.99 -4.93 11.43
C MET A 289 -20.61 -3.88 10.40
N ASN A 290 -20.93 -4.14 9.13
CA ASN A 290 -20.79 -3.11 8.11
C ASN A 290 -22.06 -2.27 8.11
N THR A 291 -21.89 -0.98 8.36
CA THR A 291 -23.03 -0.08 8.54
C THR A 291 -23.30 0.69 7.25
N ARG A 292 -23.68 -0.06 6.23
CA ARG A 292 -23.79 0.43 4.86
C ARG A 292 -24.27 -0.72 3.99
N ILE A 293 -24.62 -0.43 2.74
CA ILE A 293 -24.85 -1.50 1.78
C ILE A 293 -23.52 -2.24 1.54
N GLN A 294 -23.60 -3.51 1.20
CA GLN A 294 -22.41 -4.26 0.85
C GLN A 294 -22.33 -4.54 -0.63
N VAL A 295 -21.10 -4.74 -1.09
CA VAL A 295 -20.80 -5.08 -2.47
C VAL A 295 -21.70 -6.24 -2.94
N GLU A 296 -21.75 -7.28 -2.12
CA GLU A 296 -22.41 -8.53 -2.50
C GLU A 296 -23.90 -8.59 -2.18
N HIS A 297 -24.53 -7.43 -1.98
CA HIS A 297 -25.96 -7.36 -1.71
C HIS A 297 -26.84 -8.04 -2.79
N PRO A 298 -26.43 -8.02 -4.09
CA PRO A 298 -27.28 -8.67 -5.08
C PRO A 298 -27.66 -10.13 -4.86
N VAL A 299 -26.80 -10.95 -4.27
CA VAL A 299 -27.16 -12.38 -4.09
C VAL A 299 -28.37 -12.55 -3.16
N THR A 300 -28.49 -11.67 -2.17
CA THR A 300 -29.62 -11.63 -1.25
C THR A 300 -30.90 -11.13 -1.91
N GLU A 301 -30.74 -10.14 -2.80
CA GLU A 301 -31.85 -9.63 -3.57
C GLU A 301 -32.44 -10.75 -4.43
N MET A 302 -31.57 -11.56 -5.05
CA MET A 302 -32.03 -12.65 -5.92
C MET A 302 -32.87 -13.69 -5.18
N ILE A 303 -32.45 -14.03 -3.96
CA ILE A 303 -33.12 -15.11 -3.21
C ILE A 303 -34.29 -14.68 -2.33
N THR A 304 -34.44 -13.38 -2.12
CA THR A 304 -35.56 -12.83 -1.35
C THR A 304 -36.55 -12.00 -2.16
N GLY A 305 -36.11 -11.51 -3.32
CA GLY A 305 -36.96 -10.60 -4.12
C GLY A 305 -36.92 -9.15 -3.67
N VAL A 306 -36.17 -8.86 -2.61
CA VAL A 306 -36.13 -7.53 -2.03
C VAL A 306 -35.06 -6.66 -2.70
N ASP A 307 -35.47 -5.49 -3.15
CA ASP A 307 -34.56 -4.52 -3.75
C ASP A 307 -33.99 -3.68 -2.60
N LEU A 308 -32.76 -4.01 -2.19
CA LEU A 308 -32.15 -3.45 -1.00
C LEU A 308 -31.86 -1.96 -1.11
N ILE A 309 -31.48 -1.51 -2.31
CA ILE A 309 -31.21 -0.09 -2.55
C ILE A 309 -32.49 0.73 -2.45
N LYS A 310 -33.56 0.24 -3.09
CA LYS A 310 -34.85 0.92 -3.02
C LYS A 310 -35.37 0.98 -1.58
N GLU A 311 -35.17 -0.07 -0.79
CA GLU A 311 -35.51 -0.04 0.63
C GLU A 311 -34.69 1.01 1.40
N GLN A 312 -33.38 1.08 1.14
CA GLN A 312 -32.54 2.17 1.68
C GLN A 312 -33.14 3.55 1.43
N LEU A 313 -33.59 3.78 0.19
CA LEU A 313 -34.16 5.06 -0.20
C LEU A 313 -35.48 5.32 0.52
N ARG A 314 -36.31 4.28 0.66
CA ARG A 314 -37.60 4.42 1.35
C ARG A 314 -37.41 4.73 2.82
N ILE A 315 -36.48 4.01 3.44
CA ILE A 315 -36.12 4.26 4.84
C ILE A 315 -35.60 5.69 5.04
N ALA A 316 -34.74 6.14 4.13
CA ALA A 316 -34.18 7.50 4.17
C ALA A 316 -35.26 8.56 4.00
N ALA A 317 -36.24 8.26 3.15
CA ALA A 317 -37.43 9.11 2.99
C ALA A 317 -38.35 9.14 4.23
N GLY A 318 -38.05 8.32 5.24
CA GLY A 318 -38.76 8.34 6.52
C GLY A 318 -39.91 7.35 6.57
N GLN A 319 -39.95 6.43 5.61
CA GLN A 319 -41.01 5.43 5.57
C GLN A 319 -40.66 4.27 6.50
N PRO A 320 -41.63 3.80 7.28
CA PRO A 320 -41.38 2.59 8.06
C PRO A 320 -41.28 1.36 7.16
N LEU A 321 -40.69 0.28 7.65
CA LEU A 321 -40.61 -0.96 6.87
C LEU A 321 -42.02 -1.43 6.56
N SER A 322 -42.29 -1.69 5.29
CA SER A 322 -43.55 -2.30 4.87
C SER A 322 -43.41 -3.83 4.92
N ILE A 323 -42.20 -4.31 4.60
CA ILE A 323 -41.91 -5.74 4.57
C ILE A 323 -41.83 -6.30 5.99
N LYS A 324 -42.75 -7.22 6.31
CA LYS A 324 -42.73 -7.94 7.58
C LYS A 324 -41.78 -9.13 7.42
N GLN A 325 -41.28 -9.65 8.54
CA GLN A 325 -40.35 -10.79 8.50
C GLN A 325 -40.97 -12.01 7.79
N GLU A 326 -42.26 -12.24 8.02
CA GLU A 326 -42.95 -13.40 7.45
C GLU A 326 -43.15 -13.30 5.94
N GLU A 327 -42.90 -12.13 5.36
CA GLU A 327 -42.96 -11.95 3.91
C GLU A 327 -41.60 -12.20 3.27
N VAL A 328 -40.56 -12.28 4.09
CA VAL A 328 -39.22 -12.58 3.61
C VAL A 328 -39.04 -14.10 3.58
N HIS A 329 -38.82 -14.63 2.37
CA HIS A 329 -38.67 -16.06 2.16
C HIS A 329 -37.43 -16.33 1.31
N VAL A 330 -36.57 -17.23 1.77
CA VAL A 330 -35.45 -17.67 0.96
C VAL A 330 -35.98 -18.60 -0.14
N ARG A 331 -35.73 -18.25 -1.39
CA ARG A 331 -36.08 -19.12 -2.51
C ARG A 331 -34.91 -19.23 -3.47
N GLY A 332 -34.55 -20.46 -3.81
CA GLY A 332 -33.47 -20.71 -4.75
C GLY A 332 -32.13 -20.32 -4.16
N HIS A 333 -31.20 -20.02 -5.04
CA HIS A 333 -29.80 -19.83 -4.64
C HIS A 333 -29.13 -18.91 -5.65
N ALA A 334 -28.25 -18.03 -5.17
CA ALA A 334 -27.49 -17.14 -6.05
C ALA A 334 -26.00 -17.12 -5.71
N VAL A 335 -25.18 -17.00 -6.75
CA VAL A 335 -23.74 -16.87 -6.61
C VAL A 335 -23.28 -15.59 -7.30
N GLU A 336 -22.33 -14.90 -6.68
CA GLU A 336 -21.71 -13.71 -7.26
C GLU A 336 -20.22 -13.93 -7.47
N CYS A 337 -19.76 -13.61 -8.67
CA CYS A 337 -18.34 -13.58 -9.00
C CYS A 337 -17.95 -12.13 -9.25
N ARG A 338 -17.01 -11.61 -8.45
CA ARG A 338 -16.44 -10.30 -8.67
C ARG A 338 -15.52 -10.32 -9.88
N ILE A 339 -15.71 -9.34 -10.76
CA ILE A 339 -14.88 -9.20 -11.94
C ILE A 339 -13.93 -8.02 -11.72
N ASN A 340 -12.63 -8.32 -11.76
N ASN A 340 -12.63 -8.30 -11.77
CA ASN A 340 -11.57 -7.36 -11.42
CA ASN A 340 -11.60 -7.34 -11.43
C ASN A 340 -10.66 -7.11 -12.61
C ASN A 340 -10.64 -7.12 -12.60
N ALA A 341 -10.27 -5.85 -12.80
CA ALA A 341 -9.30 -5.48 -13.82
C ALA A 341 -7.91 -5.64 -13.19
N GLU A 342 -7.42 -6.86 -13.19
CA GLU A 342 -6.17 -7.20 -12.52
C GLU A 342 -5.45 -8.30 -13.28
N ASP A 343 -4.12 -8.30 -13.22
CA ASP A 343 -3.38 -9.46 -13.68
C ASP A 343 -3.63 -10.54 -12.64
N PRO A 344 -4.32 -11.64 -13.03
CA PRO A 344 -4.66 -12.71 -12.10
C PRO A 344 -3.48 -13.20 -11.25
N ASN A 345 -2.31 -13.36 -11.85
CA ASN A 345 -1.14 -13.85 -11.12
C ASN A 345 -0.61 -12.82 -10.11
N THR A 346 -0.30 -11.61 -10.59
CA THR A 346 0.28 -10.57 -9.73
C THR A 346 -0.79 -9.86 -8.89
N PHE A 347 -2.05 -10.00 -9.30
CA PHE A 347 -3.24 -9.55 -8.53
C PHE A 347 -3.33 -8.04 -8.26
N LEU A 348 -2.43 -7.26 -8.87
CA LEU A 348 -2.48 -5.81 -8.76
C LEU A 348 -3.07 -5.24 -10.06
N PRO A 349 -3.98 -4.25 -9.94
CA PRO A 349 -4.77 -3.62 -11.01
C PRO A 349 -4.15 -3.52 -12.42
N SER A 350 -5.00 -3.70 -13.43
CA SER A 350 -4.62 -3.63 -14.85
C SER A 350 -5.54 -2.65 -15.59
N PRO A 351 -5.18 -1.36 -15.63
CA PRO A 351 -6.02 -0.38 -16.30
C PRO A 351 -5.83 -0.44 -17.81
N GLY A 352 -6.64 0.32 -18.54
CA GLY A 352 -6.55 0.36 -19.99
C GLY A 352 -7.90 0.35 -20.67
N LYS A 353 -7.87 0.49 -21.98
CA LYS A 353 -9.08 0.59 -22.78
C LYS A 353 -9.64 -0.79 -23.06
N ILE A 354 -10.94 -0.95 -22.85
CA ILE A 354 -11.63 -2.17 -23.20
C ILE A 354 -11.97 -2.08 -24.69
N THR A 355 -11.38 -2.98 -25.47
CA THR A 355 -11.47 -2.96 -26.92
C THR A 355 -12.62 -3.80 -27.47
N ARG A 356 -13.03 -4.79 -26.69
CA ARG A 356 -14.21 -5.57 -27.00
C ARG A 356 -14.89 -5.97 -25.69
N PHE A 357 -16.21 -5.84 -25.66
CA PHE A 357 -17.00 -6.21 -24.50
C PHE A 357 -18.29 -6.91 -24.90
N HIS A 358 -18.58 -8.02 -24.23
CA HIS A 358 -19.86 -8.69 -24.37
C HIS A 358 -20.34 -9.22 -23.02
N ALA A 359 -21.55 -8.85 -22.65
CA ALA A 359 -22.14 -9.28 -21.39
C ALA A 359 -22.93 -10.59 -21.57
N PRO A 360 -22.93 -11.44 -20.54
CA PRO A 360 -23.76 -12.64 -20.61
C PRO A 360 -25.24 -12.31 -20.44
N GLY A 361 -26.10 -13.20 -20.94
CA GLY A 361 -27.55 -13.07 -20.74
C GLY A 361 -28.15 -14.38 -20.30
N GLY A 362 -29.48 -14.44 -20.30
CA GLY A 362 -30.20 -15.67 -19.98
C GLY A 362 -31.03 -15.57 -18.71
N PHE A 363 -31.75 -16.65 -18.44
CA PHE A 363 -32.58 -16.77 -17.25
C PHE A 363 -31.69 -16.83 -16.01
N GLY A 364 -31.98 -15.98 -15.04
CA GLY A 364 -31.24 -15.96 -13.79
C GLY A 364 -29.90 -15.22 -13.84
N VAL A 365 -29.56 -14.62 -14.98
CA VAL A 365 -28.26 -13.98 -15.15
C VAL A 365 -28.37 -12.47 -14.96
N ARG A 366 -27.58 -11.95 -14.01
CA ARG A 366 -27.60 -10.53 -13.67
C ARG A 366 -26.18 -9.98 -13.70
N TRP A 367 -25.95 -8.98 -14.54
CA TRP A 367 -24.66 -8.37 -14.72
C TRP A 367 -24.72 -6.94 -14.16
N GLU A 368 -23.86 -6.68 -13.18
CA GLU A 368 -23.78 -5.38 -12.50
C GLU A 368 -22.45 -4.74 -12.85
N SER A 369 -22.43 -3.88 -13.87
CA SER A 369 -21.19 -3.24 -14.26
C SER A 369 -21.40 -2.00 -15.12
N HIS A 370 -20.52 -1.03 -14.88
CA HIS A 370 -20.48 0.22 -15.64
C HIS A 370 -19.68 0.10 -16.94
N ILE A 371 -18.99 -1.02 -17.17
CA ILE A 371 -18.08 -1.08 -18.32
C ILE A 371 -18.83 -1.23 -19.63
N TYR A 372 -18.18 -0.78 -20.70
CA TYR A 372 -18.70 -0.86 -22.05
C TYR A 372 -17.52 -0.87 -23.01
N ALA A 373 -17.75 -1.26 -24.26
CA ALA A 373 -16.68 -1.28 -25.26
C ALA A 373 -16.19 0.14 -25.55
N GLY A 374 -14.88 0.33 -25.46
CA GLY A 374 -14.27 1.65 -25.63
C GLY A 374 -14.07 2.38 -24.31
N TYR A 375 -14.61 1.86 -23.21
CA TYR A 375 -14.42 2.46 -21.91
C TYR A 375 -13.00 2.20 -21.44
N THR A 376 -12.35 3.25 -20.95
CA THR A 376 -11.03 3.11 -20.36
C THR A 376 -11.12 3.01 -18.84
N VAL A 377 -10.62 1.90 -18.31
CA VAL A 377 -10.52 1.70 -16.88
C VAL A 377 -9.35 2.55 -16.36
N PRO A 378 -9.62 3.52 -15.48
CA PRO A 378 -8.52 4.40 -15.04
C PRO A 378 -7.59 3.71 -14.05
N PRO A 379 -6.37 4.25 -13.86
CA PRO A 379 -5.43 3.62 -12.93
C PRO A 379 -5.59 3.96 -11.43
N TYR A 380 -6.59 4.76 -11.05
CA TYR A 380 -6.61 5.39 -9.71
C TYR A 380 -7.35 4.65 -8.58
N TYR A 381 -8.31 3.79 -8.93
CA TYR A 381 -9.28 3.30 -7.95
C TYR A 381 -9.21 1.79 -7.77
N ASP A 382 -10.23 1.21 -7.14
CA ASP A 382 -10.30 -0.23 -6.88
C ASP A 382 -10.32 -1.05 -8.18
N SER A 383 -9.80 -2.27 -8.13
CA SER A 383 -9.73 -3.13 -9.31
C SER A 383 -11.08 -3.68 -9.80
N MET A 384 -12.09 -3.68 -8.93
CA MET A 384 -13.39 -4.29 -9.29
C MET A 384 -14.16 -3.43 -10.28
N ILE A 385 -14.38 -4.01 -11.46
CA ILE A 385 -15.06 -3.33 -12.56
C ILE A 385 -16.45 -3.92 -12.84
N GLY A 386 -16.82 -5.00 -12.15
CA GLY A 386 -18.15 -5.55 -12.31
C GLY A 386 -18.42 -6.75 -11.44
N LYS A 387 -19.68 -7.14 -11.40
CA LYS A 387 -20.13 -8.29 -10.62
C LYS A 387 -21.08 -9.11 -11.45
N LEU A 388 -20.78 -10.41 -11.58
CA LEU A 388 -21.66 -11.34 -12.26
C LEU A 388 -22.39 -12.16 -11.21
N ILE A 389 -23.72 -12.11 -11.27
CA ILE A 389 -24.57 -12.79 -10.30
C ILE A 389 -25.50 -13.72 -11.05
N CYS A 390 -25.48 -15.00 -10.69
CA CYS A 390 -26.36 -15.98 -11.30
C CYS A 390 -27.24 -16.64 -10.25
N TYR A 391 -28.54 -16.67 -10.54
CA TYR A 391 -29.55 -17.25 -9.66
C TYR A 391 -30.12 -18.50 -10.28
N GLY A 392 -30.40 -19.49 -9.44
CA GLY A 392 -31.05 -20.72 -9.86
C GLY A 392 -32.00 -21.24 -8.79
N GLU A 393 -32.83 -22.20 -9.17
CA GLU A 393 -33.76 -22.85 -8.25
C GLU A 393 -33.03 -23.62 -7.13
N ASN A 394 -31.79 -24.00 -7.38
CA ASN A 394 -30.93 -24.57 -6.34
C ASN A 394 -29.47 -24.16 -6.60
N ARG A 395 -28.57 -24.53 -5.70
CA ARG A 395 -27.17 -24.14 -5.80
C ARG A 395 -26.48 -24.70 -7.04
N ASP A 396 -26.81 -25.95 -7.40
CA ASP A 396 -26.23 -26.58 -8.58
C ASP A 396 -26.58 -25.80 -9.84
N VAL A 397 -27.83 -25.36 -9.95
CA VAL A 397 -28.28 -24.57 -11.11
C VAL A 397 -27.61 -23.19 -11.16
N ALA A 398 -27.51 -22.52 -10.02
CA ALA A 398 -26.80 -21.24 -9.92
C ALA A 398 -25.35 -21.33 -10.38
N ILE A 399 -24.65 -22.37 -9.96
CA ILE A 399 -23.26 -22.59 -10.35
C ILE A 399 -23.13 -22.95 -11.83
N ALA A 400 -24.07 -23.76 -12.33
CA ALA A 400 -24.09 -24.13 -13.75
C ALA A 400 -24.29 -22.90 -14.62
N ARG A 401 -25.23 -22.05 -14.22
CA ARG A 401 -25.48 -20.79 -14.95
C ARG A 401 -24.30 -19.83 -14.88
N MET A 402 -23.58 -19.84 -13.76
CA MET A 402 -22.39 -18.99 -13.60
C MET A 402 -21.29 -19.44 -14.56
N LYS A 403 -21.06 -20.75 -14.63
CA LYS A 403 -20.10 -21.31 -15.59
C LYS A 403 -20.46 -20.89 -17.01
N ASN A 404 -21.73 -21.02 -17.37
CA ASN A 404 -22.20 -20.65 -18.71
C ASN A 404 -22.05 -19.15 -18.98
N ALA A 405 -22.37 -18.34 -17.97
CA ALA A 405 -22.29 -16.88 -18.07
C ALA A 405 -20.84 -16.39 -18.20
N LEU A 406 -19.94 -16.95 -17.40
CA LEU A 406 -18.52 -16.63 -17.47
C LEU A 406 -17.92 -16.95 -18.84
N GLN A 407 -18.38 -18.02 -19.48
CA GLN A 407 -17.92 -18.36 -20.83
C GLN A 407 -18.40 -17.37 -21.90
N GLU A 408 -19.56 -16.75 -21.68
CA GLU A 408 -20.09 -15.72 -22.58
C GLU A 408 -19.46 -14.35 -22.38
N LEU A 409 -19.00 -14.09 -21.16
CA LEU A 409 -18.41 -12.81 -20.80
C LEU A 409 -17.10 -12.55 -21.55
N ILE A 410 -17.09 -11.50 -22.36
CA ILE A 410 -15.88 -11.08 -23.08
C ILE A 410 -15.47 -9.70 -22.58
N ILE A 411 -14.22 -9.60 -22.11
CA ILE A 411 -13.62 -8.32 -21.73
C ILE A 411 -12.19 -8.34 -22.27
N ASP A 412 -12.01 -7.76 -23.45
CA ASP A 412 -10.69 -7.71 -24.10
C ASP A 412 -10.07 -6.32 -23.92
N GLY A 413 -8.74 -6.27 -23.96
CA GLY A 413 -7.99 -5.02 -23.90
C GLY A 413 -7.32 -4.79 -22.56
N ILE A 414 -7.85 -5.47 -21.53
CA ILE A 414 -7.28 -5.46 -20.20
C ILE A 414 -7.26 -6.87 -19.66
N LYS A 415 -6.45 -7.10 -18.62
CA LYS A 415 -6.42 -8.38 -17.93
C LYS A 415 -7.55 -8.42 -16.91
N THR A 416 -8.20 -9.57 -16.78
CA THR A 416 -9.23 -9.77 -15.78
C THR A 416 -9.09 -11.11 -15.07
N ASN A 417 -9.87 -11.28 -14.01
CA ASN A 417 -9.90 -12.51 -13.24
C ASN A 417 -10.98 -13.49 -13.68
N VAL A 418 -11.47 -13.35 -14.92
CA VAL A 418 -12.53 -14.21 -15.44
C VAL A 418 -12.11 -15.67 -15.47
N ASP A 419 -10.89 -15.94 -15.92
CA ASP A 419 -10.38 -17.31 -16.00
C ASP A 419 -10.28 -17.94 -14.60
N LEU A 420 -9.90 -17.14 -13.61
CA LEU A 420 -9.87 -17.62 -12.23
C LEU A 420 -11.26 -17.98 -11.72
N GLN A 421 -12.24 -17.15 -12.03
CA GLN A 421 -13.62 -17.40 -11.60
C GLN A 421 -14.15 -18.68 -12.21
N ILE A 422 -13.77 -18.94 -13.46
CA ILE A 422 -14.09 -20.20 -14.12
C ILE A 422 -13.48 -21.39 -13.35
N ARG A 423 -12.23 -21.26 -12.91
CA ARG A 423 -11.55 -22.31 -12.12
C ARG A 423 -12.25 -22.58 -10.78
N ILE A 424 -12.66 -21.51 -10.10
CA ILE A 424 -13.35 -21.66 -8.82
C ILE A 424 -14.70 -22.34 -8.99
N MET A 425 -15.45 -21.95 -10.03
CA MET A 425 -16.73 -22.60 -10.32
C MET A 425 -16.54 -24.09 -10.60
N ASN A 426 -15.46 -24.45 -11.28
CA ASN A 426 -15.13 -25.85 -11.58
C ASN A 426 -14.43 -26.61 -10.45
N ASP A 427 -14.14 -25.93 -9.34
CA ASP A 427 -13.47 -26.56 -8.19
C ASP A 427 -14.42 -27.52 -7.49
N GLU A 428 -13.97 -28.77 -7.27
CA GLU A 428 -14.80 -29.84 -6.69
C GLU A 428 -15.24 -29.53 -5.27
N ASN A 429 -14.37 -28.90 -4.50
CA ASN A 429 -14.68 -28.54 -3.12
C ASN A 429 -15.67 -27.38 -3.05
N PHE A 430 -15.52 -26.41 -3.94
CA PHE A 430 -16.54 -25.37 -4.10
C PHE A 430 -17.86 -25.99 -4.54
N GLN A 431 -17.80 -26.94 -5.46
CA GLN A 431 -19.03 -27.56 -5.97
C GLN A 431 -19.77 -28.33 -4.87
N HIS A 432 -19.02 -28.97 -3.98
CA HIS A 432 -19.61 -29.60 -2.79
C HIS A 432 -20.17 -28.53 -1.85
N GLY A 433 -19.39 -27.47 -1.63
CA GLY A 433 -19.81 -26.36 -0.78
C GLY A 433 -19.21 -26.41 0.62
N GLY A 434 -19.28 -25.29 1.32
CA GLY A 434 -18.84 -25.20 2.70
C GLY A 434 -17.34 -25.08 2.94
N THR A 435 -16.58 -24.68 1.92
CA THR A 435 -15.15 -24.45 2.10
C THR A 435 -14.90 -23.26 3.04
N ASN A 436 -13.75 -23.28 3.72
CA ASN A 436 -13.45 -22.29 4.74
C ASN A 436 -12.75 -21.05 4.16
N ILE A 437 -12.48 -20.07 5.00
CA ILE A 437 -11.88 -18.80 4.56
C ILE A 437 -10.43 -18.90 4.09
N HIS A 438 -9.81 -20.07 4.27
CA HIS A 438 -8.42 -20.28 3.84
C HIS A 438 -8.33 -21.03 2.51
N TYR A 439 -9.47 -21.49 1.97
CA TYR A 439 -9.44 -22.44 0.86
C TYR A 439 -8.81 -21.88 -0.41
N LEU A 440 -9.27 -20.73 -0.85
CA LEU A 440 -8.82 -20.17 -2.13
C LEU A 440 -7.30 -19.98 -2.17
N GLU A 441 -6.74 -19.45 -1.09
CA GLU A 441 -5.29 -19.24 -1.02
C GLU A 441 -4.50 -20.56 -1.01
N LYS A 442 -5.01 -21.56 -0.30
CA LYS A 442 -4.43 -22.90 -0.34
C LYS A 442 -4.49 -23.48 -1.77
N LYS A 443 -5.67 -23.38 -2.40
CA LYS A 443 -5.85 -23.84 -3.78
C LYS A 443 -4.85 -23.19 -4.75
N LEU A 444 -4.68 -21.88 -4.62
CA LEU A 444 -3.81 -21.12 -5.53
C LEU A 444 -2.32 -21.27 -5.21
N GLY A 445 -1.99 -21.39 -3.92
CA GLY A 445 -0.59 -21.45 -3.46
C GLY A 445 -0.13 -20.13 -2.85
N LEU A 446 -1.05 -19.44 -2.16
CA LEU A 446 -0.82 -18.07 -1.69
C LEU A 446 -0.93 -17.97 -0.16
N MET B 1 -1.50 16.05 -14.47
N MET B 1 -1.47 16.48 -14.51
CA MET B 1 -0.58 16.53 -13.44
CA MET B 1 -0.44 16.53 -13.41
C MET B 1 -1.16 16.73 -12.03
C MET B 1 -1.09 16.80 -12.04
N LEU B 2 -0.40 16.38 -10.99
CA LEU B 2 -0.85 16.57 -9.61
C LEU B 2 -0.93 18.07 -9.25
N ASP B 3 -2.04 18.50 -8.64
CA ASP B 3 -2.24 19.92 -8.32
C ASP B 3 -1.21 20.41 -7.29
N LYS B 4 -1.03 19.63 -6.24
CA LYS B 4 -0.25 20.04 -5.08
C LYS B 4 0.26 18.81 -4.34
N ILE B 5 1.53 18.84 -3.95
CA ILE B 5 2.11 17.74 -3.19
C ILE B 5 2.80 18.21 -1.91
N VAL B 6 2.80 17.32 -0.92
CA VAL B 6 3.58 17.49 0.29
C VAL B 6 4.92 16.82 0.04
N ILE B 7 6.01 17.56 0.27
CA ILE B 7 7.35 16.99 0.22
C ILE B 7 7.71 16.56 1.65
N ALA B 8 7.55 15.26 1.91
CA ALA B 8 7.71 14.68 3.22
C ALA B 8 9.15 14.29 3.45
N ASN B 9 10.04 15.28 3.39
CA ASN B 9 11.46 15.07 3.58
C ASN B 9 12.13 16.42 3.85
N ARG B 10 13.45 16.47 3.77
CA ARG B 10 14.21 17.65 4.11
C ARG B 10 15.49 17.69 3.29
N GLY B 11 16.27 18.75 3.49
CA GLY B 11 17.62 18.82 2.96
C GLY B 11 17.68 18.82 1.46
N GLU B 12 18.71 18.16 0.93
CA GLU B 12 18.98 18.24 -0.49
C GLU B 12 17.88 17.56 -1.32
N ILE B 13 17.35 16.42 -0.87
CA ILE B 13 16.35 15.68 -1.64
C ILE B 13 15.02 16.44 -1.70
N ALA B 14 14.68 17.11 -0.60
CA ALA B 14 13.50 17.99 -0.58
C ALA B 14 13.60 19.11 -1.61
N LEU B 15 14.78 19.72 -1.71
CA LEU B 15 15.02 20.78 -2.69
C LEU B 15 14.96 20.20 -4.12
N ARG B 16 15.56 19.03 -4.30
CA ARG B 16 15.51 18.29 -5.57
C ARG B 16 14.06 18.08 -6.05
N ILE B 17 13.21 17.61 -5.14
CA ILE B 17 11.79 17.35 -5.43
C ILE B 17 11.04 18.65 -5.71
N LEU B 18 11.34 19.69 -4.95
CA LEU B 18 10.73 21.01 -5.16
C LEU B 18 10.98 21.56 -6.56
N ARG B 19 12.22 21.43 -7.04
CA ARG B 19 12.56 21.93 -8.37
C ARG B 19 11.74 21.20 -9.43
N ALA B 20 11.64 19.89 -9.30
CA ALA B 20 10.87 19.07 -10.24
C ALA B 20 9.40 19.50 -10.25
N CYS B 21 8.83 19.68 -9.07
CA CYS B 21 7.45 20.17 -8.93
C CYS B 21 7.23 21.50 -9.64
N LYS B 22 8.11 22.46 -9.38
CA LYS B 22 8.03 23.79 -10.00
C LYS B 22 8.11 23.71 -11.51
N GLU B 23 9.03 22.91 -12.04
CA GLU B 23 9.13 22.70 -13.49
C GLU B 23 7.82 22.22 -14.10
N LEU B 24 7.11 21.37 -13.36
CA LEU B 24 5.84 20.79 -13.84
C LEU B 24 4.60 21.59 -13.43
N GLY B 25 4.79 22.76 -12.81
CA GLY B 25 3.69 23.59 -12.36
C GLY B 25 2.91 23.01 -11.18
N ILE B 26 3.55 22.12 -10.43
CA ILE B 26 2.93 21.47 -9.27
C ILE B 26 3.17 22.32 -8.03
N LYS B 27 2.10 22.65 -7.30
CA LYS B 27 2.20 23.44 -6.08
C LYS B 27 2.88 22.60 -4.99
N THR B 28 3.66 23.27 -4.14
CA THR B 28 4.50 22.57 -3.16
C THR B 28 4.12 22.93 -1.74
N VAL B 29 4.01 21.91 -0.89
CA VAL B 29 3.86 22.07 0.54
C VAL B 29 5.11 21.49 1.20
N ALA B 30 5.85 22.36 1.89
CA ALA B 30 7.05 21.96 2.60
C ALA B 30 6.71 21.72 4.07
N VAL B 31 6.60 20.45 4.46
CA VAL B 31 6.48 20.08 5.86
C VAL B 31 7.88 19.97 6.47
N HIS B 32 8.09 20.63 7.61
CA HIS B 32 9.42 20.72 8.21
C HIS B 32 9.34 20.64 9.73
N SER B 33 10.45 20.23 10.34
CA SER B 33 10.58 20.30 11.79
C SER B 33 10.79 21.75 12.19
N SER B 34 10.73 22.02 13.48
CA SER B 34 11.00 23.34 14.00
C SER B 34 12.45 23.78 13.74
N ALA B 35 13.36 22.80 13.61
CA ALA B 35 14.79 23.07 13.39
C ALA B 35 15.14 23.37 11.94
N ASP B 36 14.19 23.15 11.04
CA ASP B 36 14.42 23.25 9.60
C ASP B 36 13.65 24.40 8.95
N ARG B 37 13.32 25.43 9.73
CA ARG B 37 12.59 26.58 9.19
C ARG B 37 13.35 27.30 8.10
N ASP B 38 14.69 27.28 8.18
CA ASP B 38 15.54 28.03 7.26
C ASP B 38 16.14 27.15 6.16
N LEU B 39 15.58 25.96 5.97
CA LEU B 39 15.96 25.11 4.83
C LEU B 39 15.65 25.85 3.52
N LYS B 40 16.56 25.73 2.56
CA LYS B 40 16.40 26.41 1.26
C LYS B 40 15.04 26.12 0.61
N HIS B 41 14.65 24.85 0.56
CA HIS B 41 13.39 24.48 -0.11
C HIS B 41 12.15 24.97 0.64
N VAL B 42 12.23 25.02 1.98
CA VAL B 42 11.16 25.55 2.81
C VAL B 42 10.92 27.03 2.45
N LEU B 43 12.01 27.77 2.30
CA LEU B 43 11.95 29.19 1.94
C LEU B 43 11.44 29.42 0.51
N LEU B 44 11.61 28.42 -0.35
CA LEU B 44 11.15 28.48 -1.74
C LEU B 44 9.75 27.89 -1.97
N ALA B 45 9.22 27.14 -1.00
CA ALA B 45 7.96 26.43 -1.19
C ALA B 45 6.77 27.39 -1.24
N ASP B 46 5.68 26.96 -1.89
CA ASP B 46 4.45 27.77 -2.00
C ASP B 46 3.75 27.89 -0.66
N GLU B 47 3.75 26.79 0.09
CA GLU B 47 3.16 26.71 1.43
C GLU B 47 4.09 25.94 2.35
N THR B 48 4.06 26.28 3.63
CA THR B 48 4.87 25.58 4.64
C THR B 48 4.00 25.20 5.83
N VAL B 49 4.28 24.03 6.41
CA VAL B 49 3.65 23.60 7.66
C VAL B 49 4.73 22.99 8.57
N CYS B 50 4.80 23.47 9.79
CA CYS B 50 5.69 22.85 10.78
C CYS B 50 4.98 21.63 11.36
N ILE B 51 5.56 20.45 11.15
CA ILE B 51 4.93 19.18 11.54
C ILE B 51 5.41 18.63 12.87
N GLY B 52 6.33 19.31 13.52
CA GLY B 52 6.79 18.89 14.84
C GLY B 52 8.11 19.50 15.25
N PRO B 53 8.57 19.16 16.46
CA PRO B 53 9.86 19.62 16.97
C PRO B 53 11.05 18.95 16.27
N ALA B 54 12.25 19.34 16.66
CA ALA B 54 13.48 18.95 15.95
C ALA B 54 13.66 17.45 15.69
N PRO B 55 13.41 16.59 16.71
CA PRO B 55 13.69 15.16 16.52
C PRO B 55 12.83 14.53 15.41
N SER B 56 13.47 13.78 14.52
CA SER B 56 12.79 13.13 13.38
C SER B 56 11.58 12.31 13.83
N VAL B 57 11.72 11.62 14.96
N VAL B 57 11.70 11.62 14.96
CA VAL B 57 10.63 10.81 15.52
CA VAL B 57 10.62 10.80 15.50
C VAL B 57 9.35 11.62 15.70
C VAL B 57 9.34 11.60 15.77
N LYS B 58 9.49 12.89 16.08
CA LYS B 58 8.35 13.77 16.34
C LYS B 58 7.94 14.65 15.14
N SER B 59 8.74 14.64 14.07
CA SER B 59 8.50 15.46 12.89
C SER B 59 8.44 14.60 11.63
N TYR B 60 9.59 14.28 11.03
CA TYR B 60 9.64 13.60 9.72
C TYR B 60 9.16 12.14 9.74
N LEU B 61 9.08 11.54 10.94
CA LEU B 61 8.52 10.20 11.11
C LEU B 61 7.12 10.25 11.76
N ASN B 62 6.55 11.45 11.87
CA ASN B 62 5.27 11.67 12.51
C ASN B 62 4.18 11.56 11.45
N ILE B 63 3.63 10.35 11.31
CA ILE B 63 2.64 10.06 10.26
C ILE B 63 1.38 10.93 10.41
N PRO B 64 0.77 11.00 11.61
CA PRO B 64 -0.38 11.89 11.80
C PRO B 64 -0.15 13.36 11.45
N ALA B 65 1.00 13.91 11.82
CA ALA B 65 1.32 15.31 11.53
C ALA B 65 1.43 15.57 10.02
N ILE B 66 2.08 14.65 9.32
CA ILE B 66 2.29 14.76 7.87
C ILE B 66 0.97 14.63 7.11
N ILE B 67 0.17 13.64 7.48
CA ILE B 67 -1.15 13.46 6.89
C ILE B 67 -2.06 14.66 7.18
N SER B 68 -2.01 15.17 8.41
CA SER B 68 -2.76 16.36 8.78
C SER B 68 -2.36 17.61 7.97
N ALA B 69 -1.06 17.75 7.69
CA ALA B 69 -0.55 18.87 6.90
C ALA B 69 -1.03 18.75 5.46
N ALA B 70 -0.96 17.53 4.91
CA ALA B 70 -1.48 17.27 3.56
C ALA B 70 -2.98 17.58 3.47
N GLU B 71 -3.74 17.28 4.53
CA GLU B 71 -5.17 17.57 4.57
C GLU B 71 -5.47 19.08 4.57
N ILE B 72 -4.88 19.79 5.53
CA ILE B 72 -5.19 21.21 5.73
C ILE B 72 -4.76 22.10 4.54
N THR B 73 -3.74 21.68 3.82
CA THR B 73 -3.25 22.42 2.65
C THR B 73 -3.96 22.02 1.35
N GLY B 74 -4.81 21.00 1.39
CA GLY B 74 -5.50 20.51 0.21
C GLY B 74 -4.61 19.83 -0.83
N ALA B 75 -3.50 19.25 -0.38
CA ALA B 75 -2.62 18.49 -1.26
C ALA B 75 -3.31 17.22 -1.74
N VAL B 76 -2.81 16.66 -2.84
CA VAL B 76 -3.36 15.38 -3.36
C VAL B 76 -2.35 14.24 -3.33
N ALA B 77 -1.10 14.54 -3.04
CA ALA B 77 -0.03 13.54 -3.09
C ALA B 77 1.06 13.84 -2.08
N ILE B 78 1.83 12.82 -1.77
CA ILE B 78 2.95 12.94 -0.83
C ILE B 78 4.19 12.24 -1.41
N HIS B 79 5.28 12.99 -1.53
CA HIS B 79 6.56 12.43 -1.96
C HIS B 79 7.44 12.24 -0.73
N PRO B 80 7.78 10.98 -0.38
CA PRO B 80 8.55 10.71 0.84
C PRO B 80 10.07 10.81 0.70
N GLY B 81 10.56 11.10 -0.50
CA GLY B 81 11.99 11.15 -0.78
C GLY B 81 12.65 9.81 -0.55
N TYR B 82 13.81 9.83 0.09
CA TYR B 82 14.50 8.63 0.53
C TYR B 82 14.68 8.70 2.04
N GLY B 83 14.95 7.56 2.65
CA GLY B 83 14.96 7.45 4.10
C GLY B 83 13.61 7.77 4.72
N PHE B 84 13.65 8.20 5.99
CA PHE B 84 12.45 8.51 6.77
C PHE B 84 11.33 7.47 6.55
N LEU B 85 10.18 7.88 6.01
CA LEU B 85 9.01 7.00 5.85
C LEU B 85 8.84 6.46 4.43
N SER B 86 9.83 6.68 3.57
CA SER B 86 9.75 6.31 2.16
C SER B 86 9.62 4.81 1.90
N GLU B 87 10.12 4.00 2.82
CA GLU B 87 9.98 2.54 2.75
C GLU B 87 9.22 2.00 3.97
N ASN B 88 8.34 2.83 4.49
CA ASN B 88 7.47 2.48 5.60
C ASN B 88 6.10 2.12 5.03
N ALA B 89 5.81 0.81 4.99
CA ALA B 89 4.57 0.31 4.39
C ALA B 89 3.33 0.83 5.10
N ASN B 90 3.40 0.97 6.42
CA ASN B 90 2.26 1.46 7.20
C ASN B 90 1.94 2.91 6.84
N PHE B 91 2.97 3.70 6.51
CA PHE B 91 2.77 5.06 6.04
C PHE B 91 2.08 5.11 4.67
N ALA B 92 2.60 4.34 3.72
CA ALA B 92 2.03 4.27 2.37
C ALA B 92 0.56 3.86 2.40
N GLU B 93 0.25 2.87 3.23
CA GLU B 93 -1.13 2.42 3.43
C GLU B 93 -2.02 3.55 3.94
N GLN B 94 -1.60 4.23 5.01
CA GLN B 94 -2.38 5.34 5.56
C GLN B 94 -2.59 6.47 4.55
N VAL B 95 -1.53 6.80 3.83
CA VAL B 95 -1.56 7.85 2.81
C VAL B 95 -2.66 7.56 1.78
N GLU B 96 -2.62 6.35 1.22
CA GLU B 96 -3.60 5.91 0.23
C GLU B 96 -5.02 5.75 0.79
N ARG B 97 -5.12 5.28 2.02
CA ARG B 97 -6.44 5.17 2.67
C ARG B 97 -7.07 6.54 2.88
N SER B 98 -6.24 7.55 3.15
CA SER B 98 -6.71 8.92 3.27
C SER B 98 -6.97 9.57 1.90
N GLY B 99 -6.79 8.81 0.83
CA GLY B 99 -7.16 9.26 -0.52
C GLY B 99 -6.08 10.05 -1.24
N PHE B 100 -4.88 10.14 -0.63
CA PHE B 100 -3.74 10.79 -1.29
C PHE B 100 -3.00 9.79 -2.17
N ILE B 101 -2.29 10.32 -3.17
CA ILE B 101 -1.38 9.52 -3.96
C ILE B 101 -0.05 9.43 -3.22
N PHE B 102 0.38 8.20 -2.93
CA PHE B 102 1.71 7.96 -2.40
C PHE B 102 2.65 7.85 -3.59
N ILE B 103 3.62 8.77 -3.67
CA ILE B 103 4.54 8.82 -4.80
C ILE B 103 5.63 7.78 -4.55
N GLY B 104 5.30 6.53 -4.88
CA GLY B 104 6.14 5.37 -4.57
C GLY B 104 5.32 4.13 -4.89
N PRO B 105 5.80 2.94 -4.47
CA PRO B 105 5.01 1.71 -4.75
C PRO B 105 3.87 1.52 -3.76
N LYS B 106 3.04 0.52 -4.02
CA LYS B 106 1.95 0.17 -3.13
C LYS B 106 2.56 -0.38 -1.83
N ALA B 107 1.81 -0.25 -0.74
CA ALA B 107 2.26 -0.72 0.56
C ALA B 107 2.63 -2.21 0.53
N GLU B 108 1.83 -3.01 -0.18
CA GLU B 108 2.09 -4.44 -0.40
C GLU B 108 3.51 -4.69 -0.87
N THR B 109 3.89 -3.93 -1.91
CA THR B 109 5.20 -4.05 -2.55
C THR B 109 6.33 -3.62 -1.60
N ILE B 110 6.10 -2.55 -0.85
CA ILE B 110 7.05 -2.10 0.17
C ILE B 110 7.30 -3.19 1.22
N ARG B 111 6.23 -3.85 1.69
CA ARG B 111 6.37 -5.00 2.62
C ARG B 111 7.14 -6.15 1.99
N LEU B 112 6.73 -6.54 0.79
CA LEU B 112 7.35 -7.63 0.05
C LEU B 112 8.86 -7.45 -0.10
N MET B 113 9.26 -6.30 -0.62
CA MET B 113 10.67 -6.02 -0.87
C MET B 113 11.38 -5.38 0.32
N GLY B 114 10.63 -5.11 1.39
CA GLY B 114 11.18 -4.55 2.64
C GLY B 114 11.63 -5.58 3.66
N ASP B 115 10.96 -6.71 3.73
CA ASP B 115 11.49 -7.86 4.45
C ASP B 115 12.50 -8.47 3.47
N LYS B 116 13.79 -8.29 3.77
CA LYS B 116 14.86 -8.76 2.87
C LYS B 116 14.75 -10.26 2.56
N VAL B 117 14.21 -11.01 3.52
CA VAL B 117 13.97 -12.44 3.34
C VAL B 117 12.88 -12.67 2.29
N SER B 118 11.73 -12.01 2.44
CA SER B 118 10.64 -12.14 1.47
C SER B 118 11.05 -11.56 0.11
N ALA B 119 11.89 -10.53 0.13
CA ALA B 119 12.43 -9.93 -1.09
C ALA B 119 13.30 -10.92 -1.84
N ILE B 120 14.28 -11.49 -1.15
CA ILE B 120 15.16 -12.52 -1.74
C ILE B 120 14.36 -13.73 -2.26
N ALA B 121 13.34 -14.13 -1.50
CA ALA B 121 12.43 -15.21 -1.92
C ALA B 121 11.61 -14.83 -3.14
N ALA B 122 11.08 -13.60 -3.13
CA ALA B 122 10.31 -13.07 -4.25
C ALA B 122 11.15 -12.92 -5.52
N MET B 123 12.45 -12.66 -5.34
CA MET B 123 13.36 -12.47 -6.48
C MET B 123 13.73 -13.78 -7.15
N LYS B 124 14.01 -14.81 -6.35
CA LYS B 124 14.35 -16.12 -6.88
C LYS B 124 13.19 -16.72 -7.69
N LYS B 125 11.97 -16.40 -7.28
CA LYS B 125 10.76 -16.79 -8.00
C LYS B 125 10.63 -16.08 -9.36
N ALA B 126 11.13 -14.84 -9.43
CA ALA B 126 11.07 -14.05 -10.65
C ALA B 126 12.24 -14.31 -11.62
N GLY B 127 13.12 -15.25 -11.27
CA GLY B 127 14.30 -15.56 -12.08
C GLY B 127 15.48 -14.61 -11.89
N VAL B 128 15.39 -13.72 -10.91
CA VAL B 128 16.51 -12.86 -10.55
C VAL B 128 17.50 -13.66 -9.70
N PRO B 129 18.79 -13.68 -10.09
CA PRO B 129 19.77 -14.44 -9.33
C PRO B 129 20.10 -13.75 -8.01
N CYS B 130 20.17 -14.52 -6.93
CA CYS B 130 20.43 -13.99 -5.59
C CYS B 130 21.69 -14.62 -5.03
N VAL B 131 22.14 -14.13 -3.87
CA VAL B 131 23.30 -14.69 -3.21
C VAL B 131 22.91 -16.05 -2.60
N PRO B 132 23.74 -17.09 -2.80
CA PRO B 132 23.41 -18.37 -2.17
C PRO B 132 23.22 -18.20 -0.67
N GLY B 133 22.12 -18.75 -0.13
CA GLY B 133 21.78 -18.56 1.26
C GLY B 133 20.72 -19.50 1.81
N SER B 134 20.26 -19.18 3.02
CA SER B 134 19.29 -20.02 3.74
C SER B 134 17.92 -20.11 3.07
N ASP B 135 17.57 -19.08 2.28
CA ASP B 135 16.28 -19.02 1.59
C ASP B 135 15.13 -19.24 2.59
N GLY B 136 15.14 -18.43 3.64
CA GLY B 136 14.18 -18.54 4.74
C GLY B 136 14.74 -17.94 6.02
N PRO B 137 13.96 -18.05 7.12
CA PRO B 137 14.41 -17.59 8.43
C PRO B 137 15.25 -18.66 9.15
N LEU B 138 16.27 -18.21 9.89
CA LEU B 138 17.13 -19.11 10.66
C LEU B 138 16.41 -19.58 11.93
N GLY B 139 16.29 -20.89 12.10
CA GLY B 139 15.64 -21.47 13.28
C GLY B 139 16.57 -21.55 14.48
N ASP B 140 16.11 -22.24 15.52
CA ASP B 140 16.87 -22.39 16.75
C ASP B 140 17.66 -23.71 16.81
N ASP B 141 17.35 -24.63 15.89
CA ASP B 141 18.05 -25.91 15.81
C ASP B 141 19.44 -25.72 15.20
N MET B 142 20.48 -25.97 16.01
CA MET B 142 21.86 -25.74 15.59
C MET B 142 22.37 -26.79 14.60
N ASP B 143 21.94 -28.04 14.78
CA ASP B 143 22.37 -29.16 13.94
C ASP B 143 22.08 -28.96 12.45
N LYS B 144 20.97 -28.27 12.16
CA LYS B 144 20.56 -27.98 10.78
C LYS B 144 21.07 -26.62 10.26
N ASN B 145 21.51 -25.76 11.18
CA ASN B 145 22.12 -24.48 10.79
C ASN B 145 23.51 -24.65 10.19
N ARG B 146 24.31 -25.56 10.78
CA ARG B 146 25.62 -25.91 10.23
C ARG B 146 25.49 -26.66 8.91
N ALA B 147 24.41 -27.44 8.77
CA ALA B 147 24.15 -28.23 7.56
C ALA B 147 23.82 -27.34 6.36
N ILE B 148 23.05 -26.27 6.61
CA ILE B 148 22.73 -25.28 5.58
C ILE B 148 23.95 -24.45 5.21
N ALA B 149 24.73 -24.07 6.22
CA ALA B 149 25.96 -23.28 6.02
C ALA B 149 27.02 -24.05 5.23
N LYS B 150 27.08 -25.37 5.42
CA LYS B 150 27.97 -26.24 4.65
C LYS B 150 27.50 -26.35 3.19
N ARG B 151 26.20 -26.52 3.00
CA ARG B 151 25.59 -26.59 1.67
C ARG B 151 25.82 -25.29 0.88
N ILE B 152 25.78 -24.17 1.59
CA ILE B 152 26.10 -22.86 0.99
C ILE B 152 27.61 -22.69 0.83
N GLY B 153 28.35 -23.06 1.88
CA GLY B 153 29.80 -22.92 1.91
C GLY B 153 30.24 -21.70 2.70
N TYR B 154 31.21 -21.88 3.60
CA TYR B 154 31.74 -20.78 4.41
C TYR B 154 32.70 -19.92 3.58
N PRO B 155 32.86 -18.63 3.95
CA PRO B 155 32.23 -17.92 5.06
C PRO B 155 30.79 -17.50 4.74
N VAL B 156 30.08 -16.96 5.74
CA VAL B 156 28.69 -16.53 5.59
C VAL B 156 28.37 -15.33 6.48
N ILE B 157 27.96 -14.21 5.88
CA ILE B 157 27.53 -13.02 6.63
C ILE B 157 26.06 -13.13 7.05
N ILE B 158 25.77 -12.70 8.28
CA ILE B 158 24.43 -12.69 8.84
C ILE B 158 23.90 -11.26 8.77
N LYS B 159 22.70 -11.09 8.22
CA LYS B 159 22.15 -9.76 7.95
C LYS B 159 20.74 -9.59 8.53
N ALA B 160 20.38 -8.34 8.77
CA ALA B 160 19.06 -7.99 9.31
C ALA B 160 18.05 -7.79 8.19
N SER B 161 16.82 -8.26 8.42
CA SER B 161 15.74 -8.11 7.44
C SER B 161 15.31 -6.65 7.26
N GLY B 162 15.31 -5.89 8.35
CA GLY B 162 14.94 -4.47 8.32
C GLY B 162 16.11 -3.52 8.23
N GLY B 163 17.28 -4.04 7.85
CA GLY B 163 18.50 -3.24 7.80
C GLY B 163 18.48 -2.16 6.74
N GLY B 164 19.21 -1.07 6.99
CA GLY B 164 19.33 0.04 6.06
C GLY B 164 20.48 0.95 6.45
N GLY B 165 21.07 1.62 5.46
CA GLY B 165 22.18 2.53 5.69
C GLY B 165 23.46 1.84 6.19
N GLY B 166 23.64 0.58 5.81
CA GLY B 166 24.86 -0.15 6.12
C GLY B 166 24.94 -0.84 7.49
N ARG B 167 23.89 -0.72 8.28
CA ARG B 167 23.87 -1.32 9.63
C ARG B 167 22.91 -2.52 9.68
N ARG B 170 27.34 -10.24 11.94
CA ARG B 170 28.21 -11.37 12.24
C ARG B 170 28.56 -12.15 10.96
N VAL B 171 29.85 -12.49 10.82
CA VAL B 171 30.31 -13.33 9.71
C VAL B 171 30.98 -14.59 10.28
N VAL B 172 30.29 -15.72 10.17
CA VAL B 172 30.76 -16.97 10.78
C VAL B 172 31.90 -17.59 9.97
N ARG B 173 32.93 -18.06 10.69
CA ARG B 173 34.08 -18.71 10.08
C ARG B 173 34.40 -20.01 10.82
N GLY B 174 33.71 -21.07 10.46
CA GLY B 174 33.88 -22.39 11.08
C GLY B 174 32.60 -22.88 11.74
N ASP B 175 32.46 -24.19 11.87
CA ASP B 175 31.30 -24.80 12.52
C ASP B 175 31.24 -24.47 14.02
N ALA B 176 32.40 -24.37 14.65
CA ALA B 176 32.49 -24.06 16.09
C ALA B 176 32.09 -22.62 16.39
N GLU B 177 32.41 -21.70 15.48
CA GLU B 177 32.08 -20.28 15.67
C GLU B 177 30.57 -19.99 15.59
N LEU B 178 29.82 -20.87 14.94
CA LEU B 178 28.36 -20.72 14.82
C LEU B 178 27.63 -20.91 16.15
N ALA B 179 28.25 -21.64 17.08
CA ALA B 179 27.67 -21.88 18.40
C ALA B 179 27.56 -20.60 19.23
N GLN B 180 28.58 -19.75 19.17
CA GLN B 180 28.60 -18.47 19.90
C GLN B 180 28.29 -17.27 18.98
N SER B 181 27.72 -17.54 17.81
CA SER B 181 27.27 -16.49 16.90
C SER B 181 25.87 -16.04 17.28
N ILE B 182 24.95 -17.01 17.42
CA ILE B 182 23.57 -16.74 17.82
C ILE B 182 23.48 -16.25 19.27
N SER B 183 24.44 -16.64 20.10
CA SER B 183 24.54 -16.15 21.48
C SER B 183 24.81 -14.64 21.55
N MET B 184 25.56 -14.12 20.57
CA MET B 184 25.88 -12.70 20.49
C MET B 184 25.00 -11.94 19.48
N THR B 185 24.41 -12.66 18.53
CA THR B 185 23.50 -12.05 17.56
C THR B 185 22.16 -11.69 18.22
N ARG B 186 21.64 -12.59 19.05
CA ARG B 186 20.35 -12.42 19.71
C ARG B 186 20.40 -11.47 20.92
N ALA B 187 21.60 -11.05 21.33
CA ALA B 187 21.76 -10.23 22.53
C ALA B 187 21.95 -8.74 22.25
N GLU B 188 22.91 -8.42 21.37
CA GLU B 188 23.28 -7.03 21.10
C GLU B 188 22.26 -6.27 20.25
N ALA B 189 21.66 -6.96 19.28
CA ALA B 189 20.66 -6.35 18.39
C ALA B 189 19.46 -7.28 18.21
N LYS B 190 18.39 -7.01 18.97
CA LYS B 190 17.14 -7.78 18.87
C LYS B 190 15.94 -6.81 18.92
N ALA B 191 15.99 -5.77 18.09
CA ALA B 191 14.94 -4.77 18.04
C ALA B 191 15.05 -3.93 16.77
N ASN B 195 13.68 -6.28 14.92
CA ASN B 195 13.02 -7.50 14.46
C ASN B 195 13.88 -8.74 14.76
N ASP B 196 13.24 -9.81 15.25
CA ASP B 196 13.96 -11.01 15.69
C ASP B 196 14.10 -12.07 14.58
N MET B 197 14.28 -11.63 13.34
CA MET B 197 14.49 -12.52 12.20
C MET B 197 15.74 -12.09 11.43
N VAL B 198 16.59 -13.06 11.11
CA VAL B 198 17.81 -12.83 10.33
C VAL B 198 18.03 -14.01 9.36
N TYR B 199 18.91 -13.81 8.38
CA TYR B 199 19.16 -14.84 7.37
C TYR B 199 20.65 -15.02 7.09
N MET B 200 20.95 -16.13 6.39
CA MET B 200 22.32 -16.54 6.10
C MET B 200 22.54 -16.55 4.59
N GLU B 201 23.44 -15.70 4.09
CA GLU B 201 23.85 -15.73 2.68
C GLU B 201 25.24 -16.38 2.58
N LYS B 202 26.05 -15.91 1.64
CA LYS B 202 27.49 -16.17 1.60
C LYS B 202 28.22 -14.83 1.53
N TYR B 203 29.29 -14.68 2.32
CA TYR B 203 30.07 -13.44 2.36
C TYR B 203 31.01 -13.39 1.14
N LEU B 204 30.93 -12.30 0.39
CA LEU B 204 31.70 -12.13 -0.84
C LEU B 204 32.88 -11.19 -0.62
N GLU B 205 34.07 -11.62 -1.05
CA GLU B 205 35.34 -11.01 -0.63
C GLU B 205 35.92 -10.00 -1.63
N ASN B 206 35.50 -10.07 -2.88
CA ASN B 206 35.90 -9.07 -3.87
C ASN B 206 34.82 -8.73 -4.91
N PRO B 207 33.58 -8.45 -4.45
CA PRO B 207 32.56 -8.03 -5.41
C PRO B 207 32.54 -6.51 -5.53
N ARG B 208 31.90 -6.01 -6.58
CA ARG B 208 31.60 -4.58 -6.70
C ARG B 208 30.11 -4.40 -6.48
N HIS B 209 29.73 -3.27 -5.90
CA HIS B 209 28.33 -2.92 -5.73
C HIS B 209 27.84 -2.29 -7.01
N VAL B 210 27.03 -3.03 -7.78
CA VAL B 210 26.46 -2.54 -9.04
C VAL B 210 24.94 -2.62 -8.93
N GLU B 211 24.25 -1.53 -9.24
CA GLU B 211 22.82 -1.44 -8.99
C GLU B 211 22.09 -0.93 -10.22
N ILE B 212 20.88 -1.42 -10.43
CA ILE B 212 20.11 -1.12 -11.63
C ILE B 212 18.91 -0.26 -11.31
N GLN B 213 18.86 0.90 -11.95
CA GLN B 213 17.73 1.81 -11.84
C GLN B 213 16.57 1.34 -12.72
N VAL B 214 15.38 1.27 -12.14
CA VAL B 214 14.16 1.00 -12.87
C VAL B 214 13.12 2.10 -12.69
N LEU B 215 12.21 2.16 -13.66
CA LEU B 215 10.99 2.95 -13.57
C LEU B 215 9.86 2.05 -14.04
N ALA B 216 8.80 1.95 -13.24
CA ALA B 216 7.62 1.19 -13.59
C ALA B 216 6.38 2.04 -13.36
N ASP B 217 5.41 1.98 -14.28
CA ASP B 217 4.19 2.80 -14.11
C ASP B 217 3.13 2.13 -13.24
N GLY B 218 3.34 0.86 -12.89
CA GLY B 218 2.36 0.10 -12.12
C GLY B 218 1.11 -0.17 -12.94
N GLN B 219 1.22 -0.02 -14.27
CA GLN B 219 0.14 -0.31 -15.20
C GLN B 219 0.53 -1.46 -16.14
N GLY B 220 1.74 -1.98 -15.98
CA GLY B 220 2.23 -3.12 -16.77
C GLY B 220 3.50 -2.87 -17.55
N ASN B 221 3.98 -1.62 -17.56
CA ASN B 221 5.20 -1.24 -18.25
C ASN B 221 6.34 -0.96 -17.26
N ALA B 222 7.54 -1.41 -17.61
CA ALA B 222 8.74 -1.19 -16.79
C ALA B 222 9.97 -1.10 -17.68
N ILE B 223 10.83 -0.12 -17.39
CA ILE B 223 12.08 0.04 -18.09
C ILE B 223 13.25 0.11 -17.11
N TYR B 224 14.44 -0.22 -17.60
CA TYR B 224 15.66 -0.06 -16.82
C TYR B 224 16.49 1.09 -17.40
N LEU B 225 17.17 1.81 -16.52
CA LEU B 225 17.96 2.97 -16.90
C LEU B 225 19.41 2.76 -16.52
N ALA B 226 20.00 1.71 -17.10
CA ALA B 226 21.40 1.34 -16.90
C ALA B 226 21.76 1.11 -15.43
N GLU B 227 23.05 1.19 -15.12
CA GLU B 227 23.53 0.82 -13.80
C GLU B 227 24.43 1.89 -13.18
N ARG B 228 24.64 1.75 -11.88
CA ARG B 228 25.57 2.58 -11.14
C ARG B 228 26.51 1.69 -10.33
N ASP B 229 27.77 2.08 -10.25
CA ASP B 229 28.73 1.43 -9.37
C ASP B 229 28.89 2.27 -8.10
N CYS B 230 28.61 1.65 -6.95
CA CYS B 230 28.65 2.34 -5.67
C CYS B 230 29.58 1.64 -4.69
N SER B 231 30.69 1.12 -5.21
CA SER B 231 31.59 0.26 -4.44
C SER B 231 32.43 1.01 -3.41
N MET B 232 32.67 2.30 -3.65
CA MET B 232 33.46 3.14 -2.74
C MET B 232 32.63 3.42 -1.48
N GLN B 233 32.95 2.72 -0.41
CA GLN B 233 32.12 2.72 0.80
C GLN B 233 32.94 2.79 2.09
N ARG B 234 32.30 3.30 3.14
CA ARG B 234 32.87 3.26 4.49
C ARG B 234 31.75 2.82 5.44
N ARG B 235 31.99 1.74 6.18
CA ARG B 235 30.98 1.11 7.04
C ARG B 235 29.71 0.79 6.25
N HIS B 236 29.90 0.25 5.04
CA HIS B 236 28.82 -0.17 4.15
C HIS B 236 27.95 0.97 3.62
N GLN B 237 28.40 2.21 3.83
CA GLN B 237 27.68 3.40 3.38
C GLN B 237 28.41 3.99 2.18
N LYS B 238 27.66 4.35 1.15
CA LYS B 238 28.24 4.84 -0.10
C LYS B 238 28.84 6.22 0.08
N VAL B 239 29.96 6.45 -0.60
CA VAL B 239 30.75 7.69 -0.53
C VAL B 239 30.84 8.31 -1.92
N VAL B 240 31.12 7.46 -2.91
CA VAL B 240 31.17 7.84 -4.31
C VAL B 240 30.34 6.85 -5.13
N GLU B 241 29.59 7.38 -6.08
CA GLU B 241 28.85 6.54 -7.03
C GLU B 241 29.10 7.04 -8.44
N GLU B 242 29.00 6.13 -9.40
CA GLU B 242 29.21 6.51 -10.78
C GLU B 242 28.33 5.70 -11.73
N ALA B 243 28.13 6.26 -12.92
CA ALA B 243 27.36 5.58 -13.97
C ALA B 243 27.94 5.95 -15.33
N PRO B 244 28.03 4.97 -16.24
CA PRO B 244 27.78 3.54 -16.02
C PRO B 244 28.89 2.90 -15.15
N ALA B 245 28.75 1.61 -14.89
CA ALA B 245 29.77 0.86 -14.13
C ALA B 245 30.90 0.46 -15.07
N PRO B 246 32.14 0.91 -14.81
CA PRO B 246 33.29 0.55 -15.64
C PRO B 246 33.40 -0.96 -15.90
N GLY B 247 33.64 -1.35 -17.14
CA GLY B 247 33.81 -2.76 -17.49
C GLY B 247 32.52 -3.51 -17.78
N ILE B 248 31.37 -2.92 -17.46
CA ILE B 248 30.08 -3.54 -17.77
C ILE B 248 29.81 -3.32 -19.26
N THR B 249 29.71 -4.42 -20.00
CA THR B 249 29.48 -4.38 -21.42
C THR B 249 28.02 -4.06 -21.72
N PRO B 250 27.72 -3.61 -22.95
CA PRO B 250 26.32 -3.49 -23.34
C PRO B 250 25.52 -4.80 -23.21
N GLU B 251 26.20 -5.93 -23.41
CA GLU B 251 25.60 -7.26 -23.27
C GLU B 251 25.25 -7.57 -21.82
N LEU B 252 26.20 -7.35 -20.91
CA LEU B 252 25.93 -7.54 -19.47
C LEU B 252 24.83 -6.61 -18.98
N ARG B 253 24.88 -5.35 -19.41
CA ARG B 253 23.88 -4.35 -19.02
C ARG B 253 22.48 -4.77 -19.45
N ARG B 254 22.38 -5.22 -20.69
CA ARG B 254 21.12 -5.63 -21.29
C ARG B 254 20.53 -6.84 -20.55
N TYR B 255 21.37 -7.82 -20.24
CA TYR B 255 20.91 -9.01 -19.51
C TYR B 255 20.31 -8.64 -18.15
N ILE B 256 21.11 -7.97 -17.31
CA ILE B 256 20.68 -7.69 -15.94
C ILE B 256 19.56 -6.65 -15.89
N GLY B 257 19.59 -5.71 -16.83
CA GLY B 257 18.55 -4.70 -16.94
C GLY B 257 17.19 -5.29 -17.30
N GLU B 258 17.19 -6.14 -18.34
CA GLU B 258 15.97 -6.83 -18.77
C GLU B 258 15.39 -7.71 -17.65
N ARG B 259 16.28 -8.30 -16.87
CA ARG B 259 15.89 -9.12 -15.72
C ARG B 259 15.17 -8.30 -14.65
N CYS B 260 15.70 -7.11 -14.38
CA CYS B 260 15.11 -6.21 -13.38
C CYS B 260 13.77 -5.64 -13.83
N ALA B 261 13.69 -5.26 -15.11
CA ALA B 261 12.43 -4.78 -15.69
C ALA B 261 11.35 -5.86 -15.62
N LYS B 262 11.73 -7.10 -15.93
CA LYS B 262 10.81 -8.24 -15.83
C LYS B 262 10.38 -8.48 -14.39
N ALA B 263 11.32 -8.38 -13.46
CA ALA B 263 11.00 -8.50 -12.03
C ALA B 263 9.93 -7.47 -11.60
N CYS B 264 10.09 -6.23 -12.04
CA CYS B 264 9.10 -5.18 -11.78
C CYS B 264 7.68 -5.57 -12.17
N VAL B 265 7.52 -6.14 -13.36
CA VAL B 265 6.22 -6.61 -13.85
C VAL B 265 5.71 -7.75 -12.99
N ASP B 266 6.58 -8.70 -12.66
CA ASP B 266 6.21 -9.86 -11.84
C ASP B 266 5.74 -9.51 -10.42
N ILE B 267 6.33 -8.47 -9.83
CA ILE B 267 5.92 -8.04 -8.48
C ILE B 267 4.96 -6.84 -8.51
N GLY B 268 4.58 -6.39 -9.71
CA GLY B 268 3.68 -5.25 -9.87
C GLY B 268 4.25 -3.96 -9.32
N TYR B 269 5.53 -3.72 -9.57
CA TYR B 269 6.24 -2.56 -9.02
C TYR B 269 5.75 -1.26 -9.65
N ARG B 270 5.65 -0.21 -8.84
CA ARG B 270 5.19 1.10 -9.30
C ARG B 270 6.15 2.18 -8.83
N GLY B 271 6.59 3.00 -9.78
CA GLY B 271 7.46 4.13 -9.51
C GLY B 271 8.91 3.85 -9.79
N ALA B 272 9.77 4.70 -9.23
CA ALA B 272 11.21 4.49 -9.28
C ALA B 272 11.65 3.48 -8.22
N GLY B 273 12.63 2.67 -8.59
CA GLY B 273 13.27 1.76 -7.65
C GLY B 273 14.63 1.34 -8.13
N THR B 274 15.38 0.68 -7.25
CA THR B 274 16.72 0.20 -7.57
C THR B 274 16.95 -1.21 -7.05
N PHE B 275 17.49 -2.05 -7.92
CA PHE B 275 17.91 -3.39 -7.56
C PHE B 275 19.42 -3.33 -7.30
N GLU B 276 19.81 -3.64 -6.08
CA GLU B 276 21.22 -3.64 -5.70
C GLU B 276 21.78 -5.05 -5.84
N PHE B 277 22.93 -5.15 -6.51
CA PHE B 277 23.61 -6.41 -6.71
C PHE B 277 25.05 -6.33 -6.21
N LEU B 278 25.57 -7.48 -5.81
CA LEU B 278 27.01 -7.66 -5.72
C LEU B 278 27.43 -8.35 -7.03
N PHE B 279 28.45 -7.78 -7.67
CA PHE B 279 28.92 -8.23 -8.98
C PHE B 279 30.34 -8.78 -8.83
N GLU B 280 30.49 -10.07 -9.10
CA GLU B 280 31.75 -10.77 -8.89
C GLU B 280 31.89 -11.91 -9.89
N ASN B 281 33.07 -12.02 -10.50
CA ASN B 281 33.35 -13.06 -11.49
C ASN B 281 32.31 -13.08 -12.60
N GLY B 282 31.94 -11.90 -13.09
CA GLY B 282 30.97 -11.76 -14.17
C GLY B 282 29.52 -12.08 -13.83
N GLU B 283 29.23 -12.30 -12.54
CA GLU B 283 27.89 -12.65 -12.09
C GLU B 283 27.29 -11.56 -11.20
N PHE B 284 25.98 -11.35 -11.33
CA PHE B 284 25.22 -10.47 -10.44
C PHE B 284 24.47 -11.29 -9.39
N TYR B 285 24.62 -10.92 -8.12
CA TYR B 285 23.85 -11.54 -7.04
C TYR B 285 23.03 -10.48 -6.31
N PHE B 286 21.71 -10.60 -6.42
CA PHE B 286 20.78 -9.69 -5.75
C PHE B 286 20.97 -9.72 -4.23
N ILE B 287 21.09 -8.53 -3.64
CA ILE B 287 21.15 -8.39 -2.18
C ILE B 287 19.93 -7.65 -1.62
N GLU B 288 19.48 -6.62 -2.33
CA GLU B 288 18.41 -5.76 -1.85
C GLU B 288 17.76 -4.94 -2.96
N MET B 289 16.47 -4.61 -2.78
CA MET B 289 15.80 -3.62 -3.61
C MET B 289 15.39 -2.43 -2.75
N ASN B 290 15.84 -1.24 -3.14
CA ASN B 290 15.36 0.01 -2.54
C ASN B 290 14.14 0.50 -3.29
N THR B 291 12.99 0.46 -2.63
CA THR B 291 11.71 0.76 -3.26
C THR B 291 11.37 2.25 -3.11
N ARG B 292 12.17 3.05 -3.77
CA ARG B 292 12.18 4.50 -3.58
C ARG B 292 13.25 5.06 -4.51
N ILE B 293 13.29 6.38 -4.64
CA ILE B 293 14.41 7.06 -5.29
C ILE B 293 15.63 6.88 -4.39
N GLN B 294 16.82 6.90 -4.96
CA GLN B 294 18.06 6.81 -4.17
C GLN B 294 18.80 8.13 -4.19
N VAL B 295 19.66 8.32 -3.18
CA VAL B 295 20.55 9.47 -3.09
C VAL B 295 21.24 9.74 -4.44
N GLU B 296 21.84 8.68 -5.00
CA GLU B 296 22.72 8.80 -6.16
C GLU B 296 22.04 8.77 -7.53
N HIS B 297 20.72 8.98 -7.56
CA HIS B 297 19.98 9.01 -8.83
C HIS B 297 20.52 10.01 -9.86
N PRO B 298 21.10 11.16 -9.43
CA PRO B 298 21.57 12.11 -10.45
C PRO B 298 22.57 11.60 -11.48
N VAL B 299 23.46 10.66 -11.13
CA VAL B 299 24.42 10.14 -12.12
C VAL B 299 23.71 9.41 -13.28
N THR B 300 22.61 8.72 -12.98
CA THR B 300 21.82 8.07 -14.02
C THR B 300 21.10 9.10 -14.88
N GLU B 301 20.63 10.17 -14.26
CA GLU B 301 20.02 11.26 -14.99
C GLU B 301 20.99 11.86 -16.00
N MET B 302 22.25 12.01 -15.61
CA MET B 302 23.26 12.67 -16.45
C MET B 302 23.57 11.85 -17.70
N ILE B 303 23.66 10.52 -17.54
CA ILE B 303 24.02 9.64 -18.65
C ILE B 303 22.83 9.17 -19.51
N THR B 304 21.60 9.40 -19.07
CA THR B 304 20.41 9.00 -19.84
C THR B 304 19.53 10.17 -20.30
N GLY B 305 19.70 11.34 -19.69
CA GLY B 305 18.81 12.47 -19.96
C GLY B 305 17.44 12.37 -19.30
N VAL B 306 17.21 11.32 -18.51
CA VAL B 306 15.90 11.13 -17.87
C VAL B 306 15.88 11.83 -16.52
N ASP B 307 14.85 12.65 -16.31
CA ASP B 307 14.60 13.26 -15.02
C ASP B 307 13.77 12.29 -14.18
N LEU B 308 14.43 11.58 -13.28
CA LEU B 308 13.80 10.50 -12.52
C LEU B 308 12.72 10.98 -11.55
N ILE B 309 12.88 12.19 -11.02
CA ILE B 309 11.89 12.75 -10.10
C ILE B 309 10.62 13.10 -10.87
N LYS B 310 10.78 13.76 -12.01
CA LYS B 310 9.62 14.09 -12.84
C LYS B 310 8.89 12.84 -13.31
N GLU B 311 9.62 11.75 -13.60
CA GLU B 311 8.99 10.48 -13.96
C GLU B 311 8.23 9.88 -12.78
N GLN B 312 8.79 9.94 -11.58
CA GLN B 312 8.04 9.60 -10.37
C GLN B 312 6.69 10.34 -10.31
N LEU B 313 6.72 11.64 -10.62
CA LEU B 313 5.52 12.49 -10.49
C LEU B 313 4.50 12.24 -11.60
N ARG B 314 4.99 11.94 -12.80
CA ARG B 314 4.12 11.54 -13.92
C ARG B 314 3.44 10.20 -13.67
N ILE B 315 4.20 9.22 -13.17
CA ILE B 315 3.65 7.92 -12.79
C ILE B 315 2.58 8.08 -11.71
N ALA B 316 2.87 8.92 -10.72
CA ALA B 316 1.93 9.19 -9.63
C ALA B 316 0.69 9.93 -10.12
N ALA B 317 0.83 10.72 -11.19
CA ALA B 317 -0.31 11.39 -11.81
C ALA B 317 -1.19 10.45 -12.66
N GLY B 318 -0.75 9.20 -12.84
CA GLY B 318 -1.50 8.20 -13.59
C GLY B 318 -1.06 8.05 -15.03
N GLN B 319 0.07 8.68 -15.39
CA GLN B 319 0.58 8.57 -16.76
C GLN B 319 1.29 7.24 -16.99
N PRO B 320 0.92 6.52 -18.08
CA PRO B 320 1.74 5.38 -18.44
C PRO B 320 3.15 5.83 -18.84
N LEU B 321 4.11 4.91 -18.79
CA LEU B 321 5.47 5.22 -19.23
C LEU B 321 5.43 5.59 -20.69
N SER B 322 5.92 6.79 -21.02
CA SER B 322 6.04 7.22 -22.40
C SER B 322 7.41 6.84 -22.97
N ILE B 323 8.38 6.68 -22.07
CA ILE B 323 9.72 6.25 -22.46
C ILE B 323 9.75 4.76 -22.75
N LYS B 324 10.11 4.41 -23.99
CA LYS B 324 10.29 3.03 -24.40
C LYS B 324 11.74 2.60 -24.14
N GLN B 325 11.95 1.32 -23.83
CA GLN B 325 13.29 0.82 -23.52
C GLN B 325 14.35 1.12 -24.59
N GLU B 326 13.95 0.98 -25.86
N GLU B 326 13.95 0.97 -25.86
CA GLU B 326 14.85 1.23 -26.99
CA GLU B 326 14.82 1.24 -27.00
C GLU B 326 15.15 2.73 -27.20
C GLU B 326 15.18 2.73 -27.16
N GLU B 327 14.47 3.60 -26.45
CA GLU B 327 14.77 5.04 -26.45
C GLU B 327 15.73 5.42 -25.31
N VAL B 328 16.05 4.47 -24.44
CA VAL B 328 16.96 4.71 -23.33
C VAL B 328 18.39 4.36 -23.78
N HIS B 329 19.26 5.37 -23.75
CA HIS B 329 20.64 5.22 -24.26
C HIS B 329 21.63 5.77 -23.25
N VAL B 330 22.63 4.96 -22.91
CA VAL B 330 23.73 5.43 -22.07
C VAL B 330 24.64 6.34 -22.90
N ARG B 331 24.87 7.56 -22.44
CA ARG B 331 25.78 8.47 -23.09
C ARG B 331 26.70 9.14 -22.08
N GLY B 332 28.01 8.99 -22.28
CA GLY B 332 29.00 9.58 -21.41
C GLY B 332 29.08 8.88 -20.07
N HIS B 333 29.53 9.64 -19.08
CA HIS B 333 29.85 9.09 -17.77
C HIS B 333 29.67 10.17 -16.73
N ALA B 334 29.19 9.77 -15.55
CA ALA B 334 29.03 10.72 -14.45
C ALA B 334 29.46 10.15 -13.12
N VAL B 335 30.06 11.00 -12.29
CA VAL B 335 30.55 10.63 -10.98
C VAL B 335 29.87 11.54 -9.95
N GLU B 336 29.51 10.97 -8.81
CA GLU B 336 28.93 11.73 -7.71
C GLU B 336 29.79 11.55 -6.45
N CYS B 337 30.13 12.65 -5.82
CA CYS B 337 30.77 12.63 -4.51
C CYS B 337 29.76 13.17 -3.49
N ARG B 338 29.47 12.38 -2.46
CA ARG B 338 28.66 12.85 -1.34
C ARG B 338 29.50 13.77 -0.47
N ILE B 339 28.93 14.93 -0.12
CA ILE B 339 29.57 15.89 0.75
C ILE B 339 28.91 15.78 2.12
N ASN B 340 29.70 15.36 3.10
CA ASN B 340 29.23 15.12 4.46
C ASN B 340 29.85 16.13 5.43
N ALA B 341 29.04 16.61 6.38
CA ALA B 341 29.55 17.39 7.49
C ALA B 341 30.00 16.42 8.57
N GLU B 342 31.30 16.14 8.62
CA GLU B 342 31.84 15.07 9.47
C GLU B 342 33.31 15.30 9.86
N ASP B 343 33.70 14.69 10.98
CA ASP B 343 35.09 14.69 11.47
C ASP B 343 35.93 13.72 10.63
N PRO B 344 37.20 14.07 10.34
CA PRO B 344 37.99 13.22 9.42
C PRO B 344 38.62 11.98 10.05
N ASN B 345 38.76 11.97 11.38
CA ASN B 345 39.46 10.90 12.09
C ASN B 345 38.52 9.84 12.68
N THR B 346 37.37 10.29 13.18
CA THR B 346 36.36 9.40 13.76
C THR B 346 35.10 9.30 12.87
N PHE B 347 35.02 10.17 11.86
CA PHE B 347 33.85 10.28 10.99
C PHE B 347 32.55 10.56 11.76
N LEU B 348 32.67 11.29 12.86
CA LEU B 348 31.53 11.74 13.64
C LEU B 348 31.00 13.06 13.08
N PRO B 349 29.67 13.20 12.98
CA PRO B 349 29.05 14.43 12.44
C PRO B 349 29.64 15.75 12.96
N SER B 350 29.75 16.73 12.06
CA SER B 350 30.25 18.07 12.38
C SER B 350 29.18 19.10 12.05
N PRO B 351 28.14 19.21 12.91
CA PRO B 351 27.13 20.24 12.69
C PRO B 351 27.67 21.62 13.03
N GLY B 352 26.97 22.66 12.61
CA GLY B 352 27.35 24.02 12.91
C GLY B 352 27.02 24.99 11.79
N LYS B 353 27.45 26.23 11.96
CA LYS B 353 27.11 27.28 11.02
C LYS B 353 28.16 27.39 9.91
N ILE B 354 27.66 27.43 8.67
CA ILE B 354 28.52 27.61 7.50
C ILE B 354 28.76 29.10 7.35
N THR B 355 30.04 29.49 7.40
CA THR B 355 30.43 30.91 7.46
C THR B 355 30.86 31.45 6.09
N ARG B 356 31.36 30.57 5.24
CA ARG B 356 31.66 30.91 3.84
C ARG B 356 31.30 29.70 2.99
N PHE B 357 30.64 29.97 1.87
CA PHE B 357 30.23 28.89 0.96
C PHE B 357 30.38 29.35 -0.49
N HIS B 358 31.02 28.51 -1.29
CA HIS B 358 31.06 28.73 -2.72
C HIS B 358 30.89 27.40 -3.46
N ALA B 359 29.90 27.35 -4.34
CA ALA B 359 29.64 26.17 -5.14
C ALA B 359 30.48 26.18 -6.41
N PRO B 360 30.93 25.00 -6.87
CA PRO B 360 31.64 24.92 -8.13
C PRO B 360 30.69 25.17 -9.31
N GLY B 361 31.26 25.61 -10.43
CA GLY B 361 30.49 25.80 -11.64
C GLY B 361 31.17 25.14 -12.81
N GLY B 362 30.62 25.40 -13.99
CA GLY B 362 31.22 24.97 -15.24
C GLY B 362 30.40 23.94 -15.98
N PHE B 363 30.90 23.58 -17.16
CA PHE B 363 30.25 22.62 -18.05
C PHE B 363 30.34 21.23 -17.42
N GLY B 364 29.19 20.56 -17.31
CA GLY B 364 29.11 19.22 -16.76
C GLY B 364 29.10 19.14 -15.24
N VAL B 365 29.02 20.29 -14.56
CA VAL B 365 29.07 20.34 -13.09
C VAL B 365 27.66 20.59 -12.55
N ARG B 366 27.20 19.65 -11.73
CA ARG B 366 25.87 19.71 -11.14
C ARG B 366 26.00 19.65 -9.63
N TRP B 367 25.43 20.64 -8.98
CA TRP B 367 25.51 20.75 -7.53
C TRP B 367 24.10 20.63 -6.97
N GLU B 368 23.95 19.65 -6.06
CA GLU B 368 22.68 19.32 -5.44
C GLU B 368 22.82 19.51 -3.93
N SER B 369 22.38 20.65 -3.43
CA SER B 369 22.49 20.93 -2.00
C SER B 369 21.62 22.10 -1.57
N HIS B 370 21.12 21.99 -0.35
CA HIS B 370 20.35 23.05 0.32
C HIS B 370 21.22 24.08 1.05
N ILE B 371 22.53 23.83 1.14
CA ILE B 371 23.37 24.69 1.97
C ILE B 371 23.63 26.05 1.33
N TYR B 372 23.90 27.01 2.19
CA TYR B 372 24.21 28.37 1.79
C TYR B 372 25.01 29.02 2.90
N ALA B 373 25.66 30.13 2.58
CA ALA B 373 26.46 30.87 3.56
C ALA B 373 25.55 31.40 4.66
N GLY B 374 25.86 31.06 5.90
CA GLY B 374 25.04 31.44 7.05
C GLY B 374 24.08 30.36 7.52
N TYR B 375 23.95 29.28 6.75
CA TYR B 375 23.07 28.17 7.11
C TYR B 375 23.69 27.31 8.22
N THR B 376 22.90 26.99 9.24
CA THR B 376 23.34 26.12 10.33
C THR B 376 22.89 24.68 10.07
N VAL B 377 23.87 23.79 9.95
CA VAL B 377 23.60 22.37 9.80
C VAL B 377 23.19 21.85 11.18
N PRO B 378 21.91 21.43 11.35
CA PRO B 378 21.49 20.97 12.67
C PRO B 378 22.13 19.63 13.04
N PRO B 379 22.19 19.31 14.34
CA PRO B 379 22.71 18.02 14.81
C PRO B 379 21.75 16.83 14.74
N TYR B 380 20.49 17.07 14.38
CA TYR B 380 19.43 16.05 14.57
C TYR B 380 19.35 15.03 13.44
N TYR B 381 19.95 15.34 12.30
CA TYR B 381 19.73 14.58 11.08
C TYR B 381 21.03 14.03 10.51
N ASP B 382 20.95 13.46 9.32
CA ASP B 382 22.08 12.78 8.68
C ASP B 382 23.17 13.78 8.29
N SER B 383 24.40 13.30 8.19
CA SER B 383 25.57 14.15 7.91
C SER B 383 25.66 14.66 6.47
N MET B 384 24.94 14.05 5.53
CA MET B 384 25.10 14.44 4.13
C MET B 384 24.42 15.77 3.86
N ILE B 385 25.22 16.77 3.48
CA ILE B 385 24.76 18.14 3.26
C ILE B 385 24.67 18.50 1.78
N GLY B 386 25.29 17.70 0.92
CA GLY B 386 25.24 17.96 -0.51
C GLY B 386 25.82 16.84 -1.34
N LYS B 387 25.62 16.94 -2.65
CA LYS B 387 26.16 16.01 -3.63
C LYS B 387 26.70 16.80 -4.80
N LEU B 388 27.92 16.48 -5.19
CA LEU B 388 28.56 17.10 -6.33
C LEU B 388 28.62 16.05 -7.42
N ILE B 389 27.98 16.34 -8.55
CA ILE B 389 27.91 15.40 -9.66
C ILE B 389 28.59 16.02 -10.88
N CYS B 390 29.57 15.31 -11.45
CA CYS B 390 30.23 15.76 -12.67
C CYS B 390 30.09 14.77 -13.80
N TYR B 391 29.70 15.30 -14.96
CA TYR B 391 29.47 14.52 -16.16
C TYR B 391 30.54 14.86 -17.19
N GLY B 392 30.98 13.85 -17.94
CA GLY B 392 31.85 14.03 -19.10
C GLY B 392 31.52 13.07 -20.23
N GLU B 393 32.10 13.33 -21.41
CA GLU B 393 31.91 12.44 -22.58
C GLU B 393 32.49 11.05 -22.33
N ASN B 394 33.41 10.96 -21.36
CA ASN B 394 33.92 9.68 -20.89
C ASN B 394 34.27 9.78 -19.41
N ARG B 395 34.67 8.66 -18.82
CA ARG B 395 34.98 8.60 -17.39
C ARG B 395 36.13 9.52 -16.97
N ASP B 396 37.17 9.57 -17.80
CA ASP B 396 38.35 10.36 -17.48
C ASP B 396 38.00 11.85 -17.38
N VAL B 397 37.17 12.34 -18.30
CA VAL B 397 36.69 13.73 -18.27
C VAL B 397 35.84 14.02 -17.02
N ALA B 398 34.93 13.11 -16.69
CA ALA B 398 34.09 13.23 -15.51
C ALA B 398 34.93 13.31 -14.23
N ILE B 399 35.98 12.50 -14.15
CA ILE B 399 36.88 12.52 -12.98
C ILE B 399 37.72 13.81 -12.94
N ALA B 400 38.25 14.21 -14.08
CA ALA B 400 39.00 15.48 -14.19
C ALA B 400 38.14 16.67 -13.74
N ARG B 401 36.88 16.72 -14.21
CA ARG B 401 35.95 17.77 -13.83
C ARG B 401 35.65 17.76 -12.34
N MET B 402 35.57 16.56 -11.75
CA MET B 402 35.30 16.43 -10.33
C MET B 402 36.48 16.94 -9.49
N LYS B 403 37.70 16.62 -9.90
CA LYS B 403 38.91 17.15 -9.27
C LYS B 403 38.86 18.67 -9.23
N ASN B 404 38.59 19.28 -10.39
CA ASN B 404 38.46 20.74 -10.51
C ASN B 404 37.35 21.29 -9.63
N ALA B 405 36.18 20.66 -9.69
CA ALA B 405 35.00 21.12 -8.97
C ALA B 405 35.20 21.04 -7.45
N LEU B 406 35.79 19.94 -6.98
CA LEU B 406 36.09 19.79 -5.55
C LEU B 406 37.05 20.87 -5.04
N GLN B 407 37.96 21.31 -5.91
CA GLN B 407 38.90 22.38 -5.53
C GLN B 407 38.24 23.76 -5.48
N GLU B 408 37.19 23.98 -6.26
CA GLU B 408 36.43 25.25 -6.20
C GLU B 408 35.45 25.30 -5.05
N LEU B 409 34.98 24.13 -4.62
CA LEU B 409 34.02 24.02 -3.54
C LEU B 409 34.65 24.54 -2.26
N ILE B 410 34.01 25.55 -1.66
CA ILE B 410 34.41 26.07 -0.36
C ILE B 410 33.25 25.90 0.60
N ILE B 411 33.51 25.24 1.73
CA ILE B 411 32.56 25.12 2.82
C ILE B 411 33.33 25.31 4.12
N ASP B 412 33.24 26.50 4.70
CA ASP B 412 33.97 26.84 5.93
C ASP B 412 33.01 26.94 7.12
N GLY B 413 33.55 26.79 8.32
CA GLY B 413 32.76 26.86 9.55
C GLY B 413 32.41 25.50 10.12
N ILE B 414 32.49 24.47 9.27
CA ILE B 414 32.27 23.09 9.69
C ILE B 414 33.30 22.17 9.03
N LYS B 415 33.49 21.00 9.62
CA LYS B 415 34.39 19.99 9.06
C LYS B 415 33.62 19.23 7.98
N THR B 416 34.28 18.96 6.86
CA THR B 416 33.67 18.17 5.79
C THR B 416 34.61 17.10 5.27
N ASN B 417 34.06 16.21 4.45
CA ASN B 417 34.83 15.16 3.76
C ASN B 417 35.37 15.59 2.37
N VAL B 418 35.39 16.89 2.09
CA VAL B 418 35.82 17.36 0.78
C VAL B 418 37.26 16.93 0.45
N ASP B 419 38.15 17.07 1.43
CA ASP B 419 39.55 16.67 1.25
C ASP B 419 39.70 15.16 1.04
N LEU B 420 38.84 14.37 1.70
CA LEU B 420 38.79 12.92 1.44
C LEU B 420 38.36 12.63 0.01
N GLN B 421 37.32 13.32 -0.48
CA GLN B 421 36.84 13.09 -1.85
C GLN B 421 37.92 13.42 -2.89
N ILE B 422 38.70 14.47 -2.63
CA ILE B 422 39.84 14.82 -3.48
C ILE B 422 40.89 13.70 -3.51
N ARG B 423 41.12 13.07 -2.37
CA ARG B 423 42.05 11.94 -2.29
C ARG B 423 41.56 10.74 -3.09
N ILE B 424 40.25 10.46 -3.02
CA ILE B 424 39.65 9.36 -3.77
C ILE B 424 39.75 9.60 -5.28
N MET B 425 39.41 10.80 -5.74
CA MET B 425 39.54 11.15 -7.16
C MET B 425 40.98 10.98 -7.65
N ASN B 426 41.96 11.23 -6.79
CA ASN B 426 43.38 11.10 -7.15
C ASN B 426 43.99 9.71 -6.91
N ASP B 427 43.17 8.77 -6.45
CA ASP B 427 43.62 7.41 -6.20
C ASP B 427 43.79 6.69 -7.54
N GLU B 428 44.96 6.09 -7.75
CA GLU B 428 45.29 5.51 -9.06
C GLU B 428 44.44 4.29 -9.39
N ASN B 429 44.01 3.56 -8.37
CA ASN B 429 43.12 2.42 -8.56
C ASN B 429 41.70 2.85 -8.93
N PHE B 430 41.19 3.88 -8.25
CA PHE B 430 39.93 4.48 -8.66
C PHE B 430 40.01 4.98 -10.10
N GLN B 431 41.11 5.65 -10.45
CA GLN B 431 41.26 6.21 -11.80
C GLN B 431 41.30 5.12 -12.88
N HIS B 432 41.85 3.96 -12.53
CA HIS B 432 41.77 2.78 -13.39
C HIS B 432 40.32 2.28 -13.48
N GLY B 433 39.63 2.29 -12.34
CA GLY B 433 38.24 1.86 -12.26
C GLY B 433 38.08 0.43 -11.80
N GLY B 434 36.91 0.12 -11.27
CA GLY B 434 36.54 -1.25 -10.91
C GLY B 434 37.02 -1.74 -9.55
N THR B 435 37.33 -0.81 -8.64
CA THR B 435 37.72 -1.17 -7.28
C THR B 435 36.55 -1.81 -6.56
N ASN B 436 36.85 -2.71 -5.62
CA ASN B 436 35.81 -3.49 -4.96
C ASN B 436 35.23 -2.78 -3.73
N ILE B 437 34.21 -3.39 -3.14
CA ILE B 437 33.49 -2.82 -2.02
C ILE B 437 34.32 -2.61 -0.74
N HIS B 438 35.50 -3.21 -0.67
CA HIS B 438 36.38 -3.06 0.49
C HIS B 438 37.56 -2.11 0.26
N TYR B 439 37.66 -1.54 -0.93
CA TYR B 439 38.83 -0.74 -1.28
C TYR B 439 39.02 0.51 -0.41
N LEU B 440 37.97 1.26 -0.16
CA LEU B 440 38.11 2.54 0.54
C LEU B 440 38.65 2.38 1.96
N GLU B 441 38.11 1.41 2.70
CA GLU B 441 38.54 1.20 4.08
C GLU B 441 39.97 0.64 4.17
N LYS B 442 40.39 -0.12 3.16
CA LYS B 442 41.79 -0.54 3.03
C LYS B 442 42.68 0.69 2.81
N LYS B 443 42.30 1.54 1.86
CA LYS B 443 43.05 2.77 1.59
C LYS B 443 43.22 3.62 2.84
N LEU B 444 42.14 3.74 3.62
CA LEU B 444 42.13 4.60 4.80
C LEU B 444 42.73 3.95 6.05
N GLY B 445 42.97 2.65 6.01
CA GLY B 445 43.50 1.94 7.16
C GLY B 445 42.42 1.68 8.20
N LEU B 446 41.18 1.63 7.73
CA LEU B 446 40.02 1.26 8.56
C LEU B 446 39.67 -0.20 8.27
N GLN B 447 38.53 -0.63 8.44
#